data_6MA4
#
_entry.id   6MA4
#
_cell.length_a   98.630
_cell.length_b   98.630
_cell.length_c   365.202
_cell.angle_alpha   90.000
_cell.angle_beta   90.000
_cell.angle_gamma   120.000
#
_symmetry.space_group_name_H-M   'P 61 2 2'
#
loop_
_entity.id
_entity.type
_entity.pdbx_description
1 polymer 'UDP-N-acetylglucosamine--peptide N-acetylglucosaminyltransferase 110 kDa subunit'
2 polymer 'Host Cell Factor 1 peptide'
3 non-polymer '5-{2-[(1R)-2-{(carboxymethyl)[(thiophen-2-yl)methyl]amino}-2-oxo-1-{[(2-oxo-1,2-dihydroquinolin-6-yl)sulfonyl]amino}ethyl]phenoxy}pentanoic acid'
4 water water
#
loop_
_entity_poly.entity_id
_entity_poly.type
_entity_poly.pdbx_seq_one_letter_code
_entity_poly.pdbx_strand_id
1 'polypeptide(L)'
;GPGSCPTHADSLNNLANIKREQGNIEEAVRLYRKALEVFPEFAAAHSNLASVLQQQGKLQEALMHYKEAIRISPTFADAY
SNMGNTLKEMQDVQGALQCYTRAIQINPAFADAHSNLASIHKDSGNIPEAIASYRTALKLKPDFPDAYCNLAHCLQIVCD
WTDYDERMKKLVSIVADQLEKNRLPSVHPHHSMLYPLSHGFRKAIAERHGNLCLDKINVLHKPPYEHPKDLKLSDGRLRV
GYVSSDFGNHPTSHLMQSIPGMHNPDKFEVFCYALSPDDGTNFRVKVMAEANHFIDLSQIPCNGKAADRIHQDGIHILVN
MNGYTKGARNELFALRPAPIQAMWLGYPGTSGALFMDYIITDQETSPAEVAEQYSEKLAYMPHTFFIGDHANMFPHLKKK
AVIDFKSNGHIYDNRIVLNGIDLKAFLDSLPDVKIVKMKCPDGGDNADSSNTALNMPVIPMNTIAEAVIEMINRGQIQIT
INGFSISNGLATTQINNKAATGEEVPRTIIVTTRSQYGLPEDAIVYCNFNQLYKIDPSTLQMWANILKRVPNSVLWLLRF
PAVGEPNIQQYAQNMGLPQNRIIFSPVAPKEEHVRRGQLADVCLDTPLCNGHTTGMDVLWAGTPMVTMPGETLASRVAAS
QLTCLGCLELIAKNRQEYEDIAVKLGTDLEYLKKVRGKVWKQRISSPLFNTKQYTMELERLYLQMWEHYAAGNKPDHMIK
PVE
;
A
2 'polypeptide(L)' THETGTTNTATTATSN B
#
# COMPACT_ATOMS: atom_id res chain seq x y z
N SER A 4 46.82 28.76 7.40
CA SER A 4 45.77 29.76 7.58
C SER A 4 45.02 29.55 8.89
N CYS A 5 44.26 30.56 9.31
CA CYS A 5 43.59 30.50 10.59
C CYS A 5 42.54 29.38 10.58
N PRO A 6 42.44 28.60 11.65
CA PRO A 6 41.44 27.51 11.67
C PRO A 6 40.01 28.01 11.64
N THR A 7 39.76 29.24 12.11
CA THR A 7 38.39 29.75 12.11
C THR A 7 37.80 29.80 10.70
N HIS A 8 38.65 29.92 9.68
CA HIS A 8 38.15 30.05 8.31
C HIS A 8 37.40 28.80 7.89
N ALA A 9 38.10 27.66 7.86
CA ALA A 9 37.43 26.43 7.44
C ALA A 9 36.31 26.06 8.41
N ASP A 10 36.55 26.20 9.71
CA ASP A 10 35.50 25.91 10.68
C ASP A 10 34.26 26.76 10.41
N SER A 11 34.45 28.05 10.09
CA SER A 11 33.31 28.94 9.88
C SER A 11 32.55 28.57 8.61
N LEU A 12 33.25 28.18 7.55
CA LEU A 12 32.57 27.74 6.35
C LEU A 12 31.76 26.48 6.62
N ASN A 13 32.36 25.51 7.33
CA ASN A 13 31.67 24.27 7.62
C ASN A 13 30.42 24.51 8.46
N ASN A 14 30.55 25.32 9.52
CA ASN A 14 29.43 25.54 10.43
C ASN A 14 28.35 26.40 9.77
N LEU A 15 28.74 27.37 8.93
CA LEU A 15 27.74 28.13 8.19
C LEU A 15 26.99 27.24 7.19
N ALA A 16 27.72 26.34 6.53
CA ALA A 16 27.07 25.38 5.63
C ALA A 16 26.04 24.53 6.37
N ASN A 17 26.38 24.06 7.57
CA ASN A 17 25.41 23.29 8.36
C ASN A 17 24.11 24.06 8.51
N ILE A 18 24.21 25.37 8.78
CA ILE A 18 23.03 26.21 8.94
C ILE A 18 22.24 26.28 7.63
N LYS A 19 22.96 26.55 6.53
CA LYS A 19 22.32 26.59 5.22
C LYS A 19 21.60 25.28 4.91
N ARG A 20 22.23 24.15 5.23
CA ARG A 20 21.56 22.87 5.04
C ARG A 20 20.25 22.82 5.83
N GLU A 21 20.29 23.16 7.11
CA GLU A 21 19.08 23.19 7.92
C GLU A 21 17.99 24.03 7.28
N GLN A 22 18.35 25.19 6.73
CA GLN A 22 17.35 26.10 6.17
C GLN A 22 16.79 25.59 4.85
N GLY A 23 17.40 24.58 4.26
CA GLY A 23 17.00 24.09 2.95
C GLY A 23 17.82 24.62 1.80
N ASN A 24 18.81 25.49 2.06
CA ASN A 24 19.65 26.04 0.99
C ASN A 24 20.77 25.05 0.67
N ILE A 25 20.38 23.98 0.00
CA ILE A 25 21.26 22.85 -0.26
C ILE A 25 22.40 23.24 -1.21
N GLU A 26 22.08 23.98 -2.28
CA GLU A 26 23.12 24.38 -3.21
C GLU A 26 24.15 25.27 -2.54
N GLU A 27 23.70 26.23 -1.72
CA GLU A 27 24.62 27.07 -0.98
C GLU A 27 25.45 26.25 -0.01
N ALA A 28 24.84 25.29 0.67
CA ALA A 28 25.59 24.42 1.58
C ALA A 28 26.72 23.71 0.85
N VAL A 29 26.42 23.15 -0.33
CA VAL A 29 27.43 22.43 -1.09
C VAL A 29 28.62 23.35 -1.39
N ARG A 30 28.35 24.59 -1.82
CA ARG A 30 29.43 25.52 -2.12
C ARG A 30 30.29 25.78 -0.89
N LEU A 31 29.66 25.99 0.27
CA LEU A 31 30.43 26.30 1.47
C LEU A 31 31.29 25.11 1.89
N TYR A 32 30.72 23.90 1.85
CA TYR A 32 31.49 22.71 2.18
C TYR A 32 32.71 22.57 1.29
N ARG A 33 32.53 22.79 -0.01
CA ARG A 33 33.64 22.62 -0.94
C ARG A 33 34.70 23.70 -0.76
N LYS A 34 34.28 24.92 -0.42
CA LYS A 34 35.25 25.97 -0.11
C LYS A 34 36.02 25.64 1.17
N ALA A 35 35.31 25.09 2.17
CA ALA A 35 35.99 24.64 3.38
C ALA A 35 37.06 23.60 3.05
N LEU A 36 36.75 22.68 2.12
CA LEU A 36 37.72 21.68 1.71
C LEU A 36 38.86 22.28 0.89
N GLU A 37 38.62 23.38 0.17
CA GLU A 37 39.73 24.10 -0.46
C GLU A 37 40.67 24.67 0.59
N VAL A 38 40.12 25.23 1.66
CA VAL A 38 40.95 25.89 2.65
C VAL A 38 41.67 24.86 3.51
N PHE A 39 41.04 23.71 3.74
CA PHE A 39 41.53 22.71 4.68
C PHE A 39 41.23 21.33 4.09
N PRO A 40 42.10 20.84 3.21
CA PRO A 40 41.79 19.60 2.47
C PRO A 40 41.56 18.38 3.35
N GLU A 41 42.25 18.27 4.48
CA GLU A 41 42.09 17.11 5.36
C GLU A 41 41.04 17.34 6.44
N PHE A 42 39.90 17.92 6.06
CA PHE A 42 38.87 18.38 7.00
C PHE A 42 37.80 17.29 7.09
N ALA A 43 37.97 16.38 8.05
CA ALA A 43 37.09 15.20 8.13
C ALA A 43 35.62 15.61 8.22
N ALA A 44 35.29 16.55 9.10
CA ALA A 44 33.90 16.96 9.27
C ALA A 44 33.32 17.51 7.97
N ALA A 45 34.09 18.29 7.22
CA ALA A 45 33.57 18.84 5.97
C ALA A 45 33.34 17.74 4.94
N HIS A 46 34.24 16.76 4.86
CA HIS A 46 33.99 15.62 3.98
C HIS A 46 32.67 14.94 4.31
N SER A 47 32.45 14.64 5.60
CA SER A 47 31.24 13.92 5.99
C SER A 47 30.00 14.79 5.83
N ASN A 48 30.08 16.07 6.19
CA ASN A 48 28.93 16.95 6.01
C ASN A 48 28.59 17.13 4.53
N LEU A 49 29.61 17.31 3.69
CA LEU A 49 29.39 17.41 2.25
C LEU A 49 28.69 16.15 1.73
N ALA A 50 29.18 14.98 2.14
CA ALA A 50 28.57 13.74 1.70
C ALA A 50 27.10 13.66 2.10
N SER A 51 26.74 14.25 3.24
CA SER A 51 25.34 14.26 3.67
C SER A 51 24.45 15.02 2.69
N VAL A 52 24.91 16.17 2.22
CA VAL A 52 24.09 16.95 1.29
CA VAL A 52 24.10 16.95 1.29
C VAL A 52 24.13 16.32 -0.10
N LEU A 53 25.24 15.68 -0.47
CA LEU A 53 25.26 14.99 -1.76
C LEU A 53 24.29 13.83 -1.75
N GLN A 54 24.24 13.09 -0.64
CA GLN A 54 23.23 12.04 -0.49
C GLN A 54 21.84 12.62 -0.71
N GLN A 55 21.55 13.76 -0.08
CA GLN A 55 20.25 14.39 -0.21
C GLN A 55 19.95 14.80 -1.65
N GLN A 56 20.99 15.05 -2.45
CA GLN A 56 20.84 15.38 -3.86
C GLN A 56 20.85 14.16 -4.77
N GLY A 57 20.88 12.95 -4.19
CA GLY A 57 20.88 11.73 -4.98
C GLY A 57 22.21 11.37 -5.58
N LYS A 58 23.30 12.05 -5.20
CA LYS A 58 24.64 11.72 -5.70
C LYS A 58 25.28 10.75 -4.71
N LEU A 59 24.83 9.49 -4.76
CA LEU A 59 25.15 8.54 -3.70
C LEU A 59 26.59 8.04 -3.78
N GLN A 60 27.10 7.75 -4.97
CA GLN A 60 28.47 7.26 -5.07
C GLN A 60 29.45 8.35 -4.65
N GLU A 61 29.19 9.60 -5.05
CA GLU A 61 30.08 10.70 -4.65
C GLU A 61 30.03 10.91 -3.14
N ALA A 62 28.86 10.73 -2.52
CA ALA A 62 28.76 10.80 -1.07
C ALA A 62 29.61 9.71 -0.41
N LEU A 63 29.46 8.47 -0.85
CA LEU A 63 30.27 7.39 -0.31
C LEU A 63 31.76 7.73 -0.36
N MET A 64 32.21 8.30 -1.47
CA MET A 64 33.63 8.62 -1.60
C MET A 64 34.07 9.58 -0.50
N HIS A 65 33.24 10.57 -0.19
CA HIS A 65 33.62 11.56 0.83
C HIS A 65 33.46 11.02 2.25
N TYR A 66 32.49 10.15 2.50
CA TYR A 66 32.43 9.46 3.79
C TYR A 66 33.71 8.67 4.03
N LYS A 67 34.20 7.95 3.02
CA LYS A 67 35.39 7.14 3.22
C LYS A 67 36.61 8.03 3.43
N GLU A 68 36.67 9.16 2.74
CA GLU A 68 37.74 10.13 2.97
C GLU A 68 37.71 10.62 4.42
N ALA A 69 36.53 11.01 4.91
CA ALA A 69 36.39 11.45 6.29
C ALA A 69 36.90 10.40 7.27
N ILE A 70 36.60 9.12 6.99
CA ILE A 70 36.98 8.07 7.92
C ILE A 70 38.46 7.73 7.80
N ARG A 71 39.01 7.80 6.59
CA ARG A 71 40.46 7.69 6.46
C ARG A 71 41.17 8.75 7.30
N ILE A 72 40.65 9.98 7.30
CA ILE A 72 41.27 11.04 8.10
C ILE A 72 41.07 10.77 9.58
N SER A 73 39.90 10.26 9.97
CA SER A 73 39.54 10.09 11.38
C SER A 73 38.90 8.72 11.56
N PRO A 74 39.69 7.69 11.82
CA PRO A 74 39.15 6.33 11.87
C PRO A 74 38.03 6.13 12.89
N THR A 75 37.96 6.92 13.96
CA THR A 75 36.89 6.77 14.94
C THR A 75 35.82 7.84 14.80
N PHE A 76 35.59 8.33 13.58
CA PHE A 76 34.61 9.39 13.31
C PHE A 76 33.23 8.73 13.22
N ALA A 77 32.49 8.73 14.33
CA ALA A 77 31.24 7.98 14.39
C ALA A 77 30.14 8.62 13.54
N ASP A 78 30.04 9.95 13.56
CA ASP A 78 29.10 10.63 12.66
C ASP A 78 29.23 10.12 11.24
N ALA A 79 30.46 9.98 10.74
CA ALA A 79 30.65 9.60 9.35
C ALA A 79 30.15 8.18 9.08
N TYR A 80 30.41 7.26 10.01
CA TYR A 80 29.93 5.88 9.86
C TYR A 80 28.41 5.84 9.81
N SER A 81 27.75 6.55 10.72
CA SER A 81 26.28 6.51 10.77
C SER A 81 25.70 7.15 9.51
N ASN A 82 26.26 8.28 9.07
CA ASN A 82 25.80 8.91 7.84
C ASN A 82 26.02 8.01 6.64
N MET A 83 27.15 7.31 6.60
CA MET A 83 27.41 6.40 5.50
C MET A 83 26.41 5.24 5.50
N GLY A 84 26.07 4.73 6.68
CA GLY A 84 25.04 3.71 6.76
C GLY A 84 23.75 4.14 6.09
N ASN A 85 23.32 5.37 6.37
CA ASN A 85 22.09 5.89 5.76
C ASN A 85 22.16 5.87 4.24
N THR A 86 23.35 6.16 3.68
CA THR A 86 23.52 6.12 2.23
C THR A 86 23.51 4.69 1.70
N LEU A 87 24.14 3.77 2.42
CA LEU A 87 24.12 2.37 1.99
C LEU A 87 22.71 1.81 2.07
N LYS A 88 21.96 2.17 3.11
CA LYS A 88 20.57 1.72 3.21
C LYS A 88 19.78 2.18 1.99
N GLU A 89 19.91 3.45 1.63
CA GLU A 89 19.23 3.96 0.44
C GLU A 89 19.62 3.20 -0.80
N MET A 90 20.90 2.80 -0.90
CA MET A 90 21.36 1.99 -2.03
C MET A 90 20.94 0.53 -1.94
N GLN A 91 20.15 0.16 -0.92
CA GLN A 91 19.64 -1.20 -0.75
C GLN A 91 20.69 -2.17 -0.25
N ASP A 92 21.81 -1.67 0.28
CA ASP A 92 22.86 -2.52 0.85
C ASP A 92 22.66 -2.59 2.36
N VAL A 93 21.70 -3.44 2.77
CA VAL A 93 21.29 -3.46 4.17
C VAL A 93 22.41 -3.98 5.06
N GLN A 94 23.15 -5.00 4.61
CA GLN A 94 24.26 -5.51 5.39
C GLN A 94 25.33 -4.44 5.59
N GLY A 95 25.69 -3.72 4.53
CA GLY A 95 26.64 -2.63 4.68
C GLY A 95 26.15 -1.56 5.65
N ALA A 96 24.86 -1.21 5.57
CA ALA A 96 24.30 -0.25 6.51
C ALA A 96 24.46 -0.74 7.94
N LEU A 97 24.12 -2.02 8.19
CA LEU A 97 24.24 -2.58 9.55
C LEU A 97 25.67 -2.53 10.04
N GLN A 98 26.61 -2.94 9.21
CA GLN A 98 28.03 -2.88 9.60
C GLN A 98 28.45 -1.46 9.97
N CYS A 99 27.92 -0.45 9.26
CA CYS A 99 28.25 0.93 9.57
C CYS A 99 27.60 1.40 10.88
N TYR A 100 26.32 1.08 11.08
CA TYR A 100 25.66 1.51 12.31
C TYR A 100 26.28 0.83 13.52
N THR A 101 26.59 -0.47 13.42
CA THR A 101 27.14 -1.17 14.58
C THR A 101 28.55 -0.68 14.90
N ARG A 102 29.29 -0.26 13.87
CA ARG A 102 30.59 0.37 14.12
C ARG A 102 30.42 1.73 14.80
N ALA A 103 29.43 2.53 14.35
CA ALA A 103 29.25 3.84 14.96
C ALA A 103 28.86 3.73 16.43
N ILE A 104 28.02 2.75 16.76
CA ILE A 104 27.56 2.55 18.12
C ILE A 104 28.66 1.94 18.97
N GLN A 105 29.55 1.15 18.36
CA GLN A 105 30.71 0.65 19.08
C GLN A 105 31.66 1.79 19.44
N ILE A 106 31.84 2.75 18.53
CA ILE A 106 32.68 3.90 18.84
C ILE A 106 32.05 4.76 19.93
N ASN A 107 30.74 5.01 19.82
CA ASN A 107 30.04 5.93 20.72
C ASN A 107 28.72 5.31 21.12
N PRO A 108 28.69 4.56 22.23
CA PRO A 108 27.42 3.96 22.68
C PRO A 108 26.33 4.99 22.97
N ALA A 109 26.69 6.26 23.15
CA ALA A 109 25.72 7.30 23.47
C ALA A 109 25.25 8.06 22.23
N PHE A 110 25.50 7.52 21.04
CA PHE A 110 25.21 8.20 19.77
C PHE A 110 23.74 7.99 19.43
N ALA A 111 22.89 8.93 19.82
CA ALA A 111 21.44 8.76 19.68
C ALA A 111 21.04 8.49 18.22
N ASP A 112 21.54 9.30 17.29
CA ASP A 112 21.14 9.16 15.89
C ASP A 112 21.46 7.77 15.34
N ALA A 113 22.62 7.22 15.73
CA ALA A 113 23.00 5.90 15.20
C ALA A 113 22.03 4.83 15.70
N HIS A 114 21.63 4.91 16.97
CA HIS A 114 20.66 3.95 17.50
C HIS A 114 19.34 4.04 16.74
N SER A 115 18.90 5.25 16.41
CA SER A 115 17.64 5.42 15.71
C SER A 115 17.74 4.92 14.27
N ASN A 116 18.90 5.11 13.63
CA ASN A 116 19.06 4.62 12.26
C ASN A 116 19.13 3.10 12.23
N LEU A 117 19.84 2.50 13.19
CA LEU A 117 19.81 1.05 13.35
C LEU A 117 18.38 0.55 13.51
N ALA A 118 17.59 1.23 14.36
CA ALA A 118 16.21 0.84 14.58
C ALA A 118 15.43 0.79 13.27
N SER A 119 15.74 1.70 12.35
CA SER A 119 15.02 1.71 11.07
C SER A 119 15.33 0.46 10.25
N ILE A 120 16.51 -0.13 10.43
CA ILE A 120 16.80 -1.40 9.77
C ILE A 120 15.94 -2.51 10.34
N HIS A 121 15.89 -2.63 11.67
CA HIS A 121 15.04 -3.64 12.29
C HIS A 121 13.58 -3.46 11.91
N LYS A 122 13.10 -2.21 11.88
CA LYS A 122 11.73 -1.95 11.49
C LYS A 122 11.44 -2.47 10.09
N ASP A 123 12.31 -2.15 9.14
CA ASP A 123 12.12 -2.61 7.76
C ASP A 123 12.33 -4.11 7.62
N SER A 124 13.08 -4.73 8.52
CA SER A 124 13.33 -6.17 8.41
C SER A 124 12.23 -7.02 9.02
N GLY A 125 11.23 -6.41 9.65
CA GLY A 125 10.20 -7.18 10.32
C GLY A 125 10.50 -7.53 11.76
N ASN A 126 11.56 -6.95 12.32
CA ASN A 126 11.96 -7.19 13.71
C ASN A 126 11.51 -6.01 14.57
N ILE A 127 10.21 -5.96 14.81
CA ILE A 127 9.63 -4.77 15.44
C ILE A 127 10.08 -4.66 16.89
N PRO A 128 10.14 -5.77 17.65
CA PRO A 128 10.65 -5.65 19.04
C PRO A 128 12.04 -5.02 19.14
N GLU A 129 12.94 -5.35 18.22
CA GLU A 129 14.27 -4.75 18.28
C GLU A 129 14.26 -3.31 17.81
N ALA A 130 13.46 -3.00 16.78
CA ALA A 130 13.29 -1.62 16.38
C ALA A 130 12.80 -0.77 17.55
N ILE A 131 11.81 -1.28 18.29
CA ILE A 131 11.25 -0.52 19.41
C ILE A 131 12.32 -0.26 20.47
N ALA A 132 13.11 -1.28 20.80
CA ALA A 132 14.14 -1.11 21.80
C ALA A 132 15.19 -0.09 21.37
N SER A 133 15.56 -0.10 20.09
CA SER A 133 16.58 0.85 19.62
C SER A 133 16.03 2.26 19.51
N TYR A 134 14.78 2.43 19.09
CA TYR A 134 14.18 3.76 19.11
C TYR A 134 14.08 4.29 20.54
N ARG A 135 13.81 3.41 21.50
CA ARG A 135 13.70 3.86 22.89
C ARG A 135 15.06 4.22 23.47
N THR A 136 16.11 3.48 23.08
CA THR A 136 17.46 3.90 23.46
C THR A 136 17.79 5.28 22.88
N ALA A 137 17.46 5.49 21.61
CA ALA A 137 17.69 6.78 20.97
C ALA A 137 16.98 7.90 21.72
N LEU A 138 15.72 7.68 22.12
CA LEU A 138 14.96 8.73 22.80
C LEU A 138 15.43 8.93 24.23
N LYS A 139 15.96 7.87 24.86
CA LYS A 139 16.59 8.01 26.17
C LYS A 139 17.82 8.90 26.08
N LEU A 140 18.61 8.75 25.01
CA LEU A 140 19.82 9.54 24.83
C LEU A 140 19.51 10.96 24.36
N LYS A 141 18.52 11.11 23.48
CA LYS A 141 18.15 12.40 22.92
C LYS A 141 16.64 12.55 23.04
N PRO A 142 16.16 13.03 24.18
CA PRO A 142 14.70 13.04 24.43
C PRO A 142 13.91 13.84 23.41
N ASP A 143 14.50 14.85 22.77
CA ASP A 143 13.82 15.60 21.72
C ASP A 143 14.37 15.11 20.38
N PHE A 144 13.66 14.16 19.78
CA PHE A 144 14.14 13.45 18.59
C PHE A 144 12.93 13.06 17.75
N PRO A 145 12.45 13.99 16.90
CA PRO A 145 11.19 13.71 16.18
C PRO A 145 11.23 12.50 15.26
N ASP A 146 12.33 12.25 14.54
CA ASP A 146 12.39 11.07 13.68
C ASP A 146 12.20 9.80 14.49
N ALA A 147 12.91 9.69 15.61
CA ALA A 147 12.79 8.50 16.45
C ALA A 147 11.41 8.39 17.06
N TYR A 148 10.86 9.49 17.57
CA TYR A 148 9.54 9.42 18.19
C TYR A 148 8.49 8.96 17.19
N CYS A 149 8.47 9.57 16.00
CA CYS A 149 7.42 9.25 15.04
C CYS A 149 7.57 7.83 14.49
N ASN A 150 8.80 7.41 14.22
CA ASN A 150 8.98 6.03 13.73
C ASN A 150 8.73 5.02 14.84
N LEU A 151 9.05 5.35 16.08
CA LEU A 151 8.63 4.51 17.21
C LEU A 151 7.12 4.40 17.25
N ALA A 152 6.42 5.54 17.09
CA ALA A 152 4.96 5.53 17.11
C ALA A 152 4.39 4.61 16.04
N HIS A 153 5.05 4.55 14.88
CA HIS A 153 4.53 3.67 13.84
C HIS A 153 4.82 2.20 14.16
N CYS A 154 5.97 1.92 14.78
CA CYS A 154 6.22 0.58 15.30
C CYS A 154 5.08 0.14 16.23
N LEU A 155 4.68 1.03 17.13
CA LEU A 155 3.63 0.69 18.08
C LEU A 155 2.28 0.54 17.39
N GLN A 156 2.01 1.37 16.38
CA GLN A 156 0.82 1.17 15.54
C GLN A 156 0.84 -0.20 14.90
N ILE A 157 1.99 -0.62 14.39
CA ILE A 157 2.10 -1.89 13.66
C ILE A 157 1.69 -3.07 14.53
N VAL A 158 2.09 -3.06 15.80
CA VAL A 158 1.80 -4.18 16.69
C VAL A 158 0.60 -3.90 17.60
N CYS A 159 -0.13 -2.81 17.35
CA CYS A 159 -1.31 -2.48 18.14
C CYS A 159 -0.98 -2.37 19.63
N ASP A 160 0.18 -1.80 19.92
CA ASP A 160 0.48 -1.36 21.28
C ASP A 160 -0.16 0.01 21.46
N TRP A 161 -1.21 0.09 22.27
CA TRP A 161 -1.94 1.33 22.46
C TRP A 161 -1.68 1.94 23.83
N THR A 162 -0.56 1.57 24.45
CA THR A 162 -0.17 2.17 25.72
C THR A 162 -0.06 3.68 25.56
N ASP A 163 -0.86 4.41 26.34
CA ASP A 163 -0.82 5.88 26.32
C ASP A 163 -1.06 6.42 24.92
N TYR A 164 -1.97 5.76 24.19
CA TYR A 164 -2.23 6.12 22.80
C TYR A 164 -2.68 7.56 22.67
N ASP A 165 -3.56 8.01 23.56
CA ASP A 165 -4.05 9.39 23.48
C ASP A 165 -2.90 10.39 23.55
N GLU A 166 -1.96 10.18 24.49
CA GLU A 166 -0.83 11.10 24.61
C GLU A 166 0.13 10.98 23.43
N ARG A 167 0.25 9.77 22.86
CA ARG A 167 1.08 9.59 21.68
C ARG A 167 0.57 10.42 20.52
N MET A 168 -0.75 10.40 20.29
CA MET A 168 -1.34 11.20 19.22
C MET A 168 -1.13 12.69 19.47
N LYS A 169 -1.27 13.13 20.72
CA LYS A 169 -1.00 14.52 21.06
C LYS A 169 0.38 14.94 20.59
N LYS A 170 1.40 14.16 20.97
CA LYS A 170 2.77 14.56 20.68
C LYS A 170 3.08 14.46 19.19
N LEU A 171 2.55 13.44 18.51
CA LEU A 171 2.71 13.35 17.06
C LEU A 171 2.23 14.62 16.39
N VAL A 172 1.02 15.06 16.73
CA VAL A 172 0.47 16.27 16.13
C VAL A 172 1.30 17.48 16.50
N SER A 173 1.77 17.51 17.76
CA SER A 173 2.62 18.62 18.20
C SER A 173 3.93 18.67 17.42
N ILE A 174 4.55 17.51 17.19
CA ILE A 174 5.80 17.46 16.43
C ILE A 174 5.58 18.00 15.02
N VAL A 175 4.57 17.48 14.33
CA VAL A 175 4.29 17.93 12.97
C VAL A 175 4.03 19.43 12.94
N ALA A 176 3.20 19.92 13.87
CA ALA A 176 2.93 21.37 13.91
C ALA A 176 4.21 22.17 14.04
N ASP A 177 5.15 21.70 14.86
CA ASP A 177 6.38 22.46 15.07
C ASP A 177 7.27 22.40 13.84
N GLN A 178 7.38 21.23 13.21
CA GLN A 178 8.21 21.10 12.02
C GLN A 178 7.65 21.90 10.85
N LEU A 179 6.32 21.90 10.68
CA LEU A 179 5.72 22.71 9.63
C LEU A 179 5.91 24.19 9.89
N GLU A 180 5.78 24.62 11.15
CA GLU A 180 5.97 26.03 11.46
C GLU A 180 7.41 26.46 11.22
N LYS A 181 8.36 25.59 11.53
CA LYS A 181 9.78 25.87 11.39
C LYS A 181 10.34 25.50 10.02
N ASN A 182 9.47 25.25 9.03
CA ASN A 182 9.91 24.98 7.67
C ASN A 182 10.91 23.83 7.62
N ARG A 183 10.51 22.70 8.19
CA ARG A 183 11.32 21.49 8.18
C ARG A 183 10.49 20.34 7.65
N LEU A 184 11.18 19.30 7.20
CA LEU A 184 10.53 18.09 6.69
C LEU A 184 9.84 17.35 7.84
N PRO A 185 8.52 17.17 7.81
CA PRO A 185 7.86 16.46 8.90
C PRO A 185 8.39 15.05 9.05
N SER A 186 8.50 14.59 10.31
CA SER A 186 8.97 13.25 10.58
C SER A 186 7.89 12.18 10.39
N VAL A 187 6.66 12.57 10.09
CA VAL A 187 5.60 11.64 9.74
C VAL A 187 5.58 11.46 8.23
N HIS A 188 5.65 10.22 7.77
CA HIS A 188 5.64 9.96 6.33
C HIS A 188 4.25 10.24 5.76
N PRO A 189 4.16 10.75 4.53
CA PRO A 189 2.84 11.03 3.93
C PRO A 189 1.89 9.85 3.97
N HIS A 190 2.38 8.64 3.68
CA HIS A 190 1.53 7.46 3.64
C HIS A 190 1.02 7.07 5.02
N HIS A 191 1.69 7.52 6.08
CA HIS A 191 1.26 7.23 7.44
C HIS A 191 0.36 8.31 8.02
N SER A 192 0.38 9.51 7.44
CA SER A 192 -0.36 10.63 8.02
C SER A 192 -1.85 10.34 8.13
N MET A 193 -2.37 9.47 7.27
CA MET A 193 -3.79 9.11 7.30
C MET A 193 -4.18 8.43 8.60
N LEU A 194 -3.24 7.84 9.33
CA LEU A 194 -3.53 7.04 10.51
C LEU A 194 -3.64 7.87 11.79
N TYR A 195 -3.25 9.15 11.75
CA TYR A 195 -3.17 9.98 12.94
C TYR A 195 -4.12 11.16 12.81
N PRO A 196 -4.58 11.75 13.97
CA PRO A 196 -5.60 12.83 13.91
C PRO A 196 -5.01 14.19 13.56
N LEU A 197 -4.37 14.27 12.39
CA LEU A 197 -3.85 15.51 11.83
C LEU A 197 -4.89 16.18 10.96
N SER A 198 -4.87 17.50 10.92
CA SER A 198 -5.75 18.24 10.01
C SER A 198 -5.44 17.87 8.57
N HIS A 199 -6.41 18.13 7.68
CA HIS A 199 -6.18 17.89 6.27
C HIS A 199 -5.06 18.81 5.74
N GLY A 200 -4.99 20.04 6.24
CA GLY A 200 -3.91 20.92 5.84
C GLY A 200 -2.54 20.37 6.19
N PHE A 201 -2.41 19.78 7.38
CA PHE A 201 -1.13 19.17 7.77
C PHE A 201 -0.80 17.98 6.89
N ARG A 202 -1.81 17.14 6.57
CA ARG A 202 -1.54 15.99 5.72
C ARG A 202 -1.10 16.43 4.33
N LYS A 203 -1.77 17.43 3.75
CA LYS A 203 -1.34 17.92 2.45
C LYS A 203 0.03 18.60 2.53
N ALA A 204 0.31 19.29 3.64
CA ALA A 204 1.63 19.92 3.78
C ALA A 204 2.73 18.88 3.94
N ILE A 205 2.46 17.82 4.70
CA ILE A 205 3.41 16.70 4.80
C ILE A 205 3.75 16.19 3.40
N ALA A 206 2.72 15.97 2.58
CA ALA A 206 2.93 15.43 1.25
C ALA A 206 3.74 16.40 0.39
N GLU A 207 3.37 17.68 0.41
CA GLU A 207 4.09 18.67 -0.38
C GLU A 207 5.57 18.70 -0.01
N ARG A 208 5.87 18.62 1.28
CA ARG A 208 7.27 18.71 1.69
C ARG A 208 8.05 17.47 1.33
N HIS A 209 7.41 16.30 1.31
CA HIS A 209 8.10 15.10 0.84
C HIS A 209 8.33 15.16 -0.67
N GLY A 210 7.37 15.71 -1.41
CA GLY A 210 7.58 15.91 -2.83
C GLY A 210 8.72 16.86 -3.14
N ASN A 211 8.92 17.87 -2.27
CA ASN A 211 10.02 18.82 -2.49
C ASN A 211 11.38 18.14 -2.40
N LEU A 212 11.48 17.02 -1.69
CA LEU A 212 12.72 16.25 -1.71
C LEU A 212 13.09 15.84 -3.14
N CYS A 213 12.09 15.58 -3.99
CA CYS A 213 12.38 15.22 -5.37
C CYS A 213 13.02 16.38 -6.11
N LEU A 214 12.59 17.61 -5.82
CA LEU A 214 13.17 18.78 -6.47
C LEU A 214 14.66 18.88 -6.22
N ASP A 215 15.10 18.63 -4.99
CA ASP A 215 16.53 18.67 -4.70
C ASP A 215 17.31 17.70 -5.56
N LYS A 216 16.70 16.57 -5.92
CA LYS A 216 17.39 15.55 -6.71
C LYS A 216 17.35 15.83 -8.21
N ILE A 217 16.43 16.66 -8.69
CA ILE A 217 16.39 16.93 -10.13
C ILE A 217 17.07 18.26 -10.44
N ASN A 218 17.04 19.21 -9.50
CA ASN A 218 17.66 20.51 -9.76
C ASN A 218 19.13 20.36 -10.13
N VAL A 219 19.82 19.38 -9.56
CA VAL A 219 21.23 19.18 -9.89
C VAL A 219 21.43 18.73 -11.33
N LEU A 220 20.37 18.29 -12.01
CA LEU A 220 20.46 17.92 -13.41
C LEU A 220 20.47 19.12 -14.35
N HIS A 221 20.04 20.29 -13.87
CA HIS A 221 19.97 21.52 -14.67
C HIS A 221 19.36 21.25 -16.03
N LYS A 222 18.15 20.65 -16.04
CA LYS A 222 17.49 20.41 -17.31
C LYS A 222 16.46 21.50 -17.59
N PRO A 223 16.34 21.91 -18.85
CA PRO A 223 15.34 22.91 -19.21
C PRO A 223 13.96 22.30 -19.25
N PRO A 224 12.92 23.12 -19.34
CA PRO A 224 11.56 22.57 -19.47
C PRO A 224 11.39 21.82 -20.78
N TYR A 225 10.56 20.78 -20.74
CA TYR A 225 10.28 19.99 -21.94
C TYR A 225 9.25 20.70 -22.81
N GLU A 226 9.45 20.63 -24.13
CA GLU A 226 8.42 21.01 -25.07
C GLU A 226 7.41 19.87 -25.20
N HIS A 227 6.14 20.18 -25.00
CA HIS A 227 5.12 19.13 -25.01
C HIS A 227 4.28 19.19 -26.28
N PRO A 228 3.76 18.05 -26.74
CA PRO A 228 2.91 18.06 -27.93
C PRO A 228 1.63 18.85 -27.67
N LYS A 229 1.09 19.44 -28.74
CA LYS A 229 -0.17 20.17 -28.65
C LYS A 229 -1.22 19.62 -29.61
N ASP A 230 -1.00 18.42 -30.13
CA ASP A 230 -1.95 17.77 -31.03
C ASP A 230 -1.64 16.27 -31.04
N LEU A 231 -2.44 15.52 -31.79
CA LEU A 231 -2.26 14.07 -31.93
C LEU A 231 -1.74 13.69 -33.31
N LYS A 232 -1.23 14.66 -34.08
CA LYS A 232 -0.81 14.39 -35.45
C LYS A 232 0.35 13.39 -35.49
N LEU A 233 1.36 13.61 -34.65
CA LEU A 233 2.52 12.73 -34.67
C LEU A 233 2.16 11.30 -34.24
N SER A 234 1.07 11.14 -33.48
CA SER A 234 0.61 9.84 -33.02
C SER A 234 -0.58 9.32 -33.82
N ASP A 235 -0.76 9.80 -35.06
CA ASP A 235 -1.82 9.32 -35.96
C ASP A 235 -3.20 9.42 -35.31
N GLY A 236 -3.43 10.49 -34.57
CA GLY A 236 -4.69 10.71 -33.89
C GLY A 236 -4.84 9.97 -32.58
N ARG A 237 -3.89 9.13 -32.20
CA ARG A 237 -3.98 8.35 -30.98
C ARG A 237 -3.40 9.14 -29.80
N LEU A 238 -4.06 9.05 -28.66
CA LEU A 238 -3.56 9.67 -27.45
C LEU A 238 -2.56 8.73 -26.79
N ARG A 239 -1.37 9.24 -26.49
CA ARG A 239 -0.30 8.43 -25.92
C ARG A 239 -0.36 8.55 -24.39
N VAL A 240 -0.69 7.44 -23.73
CA VAL A 240 -0.79 7.37 -22.28
C VAL A 240 0.38 6.55 -21.75
N GLY A 241 1.07 7.07 -20.74
CA GLY A 241 2.17 6.36 -20.13
C GLY A 241 1.90 6.00 -18.68
N TYR A 242 1.91 4.70 -18.37
CA TYR A 242 1.71 4.22 -17.01
C TYR A 242 3.06 3.95 -16.37
N VAL A 243 3.37 4.68 -15.30
CA VAL A 243 4.67 4.59 -14.63
C VAL A 243 4.46 3.87 -13.30
N SER A 244 5.10 2.72 -13.14
CA SER A 244 4.91 1.95 -11.92
C SER A 244 6.14 1.11 -11.62
N SER A 245 6.47 0.99 -10.34
CA SER A 245 7.43 0.00 -9.87
C SER A 245 6.79 -1.36 -9.65
N ASP A 246 5.50 -1.51 -9.93
CA ASP A 246 4.75 -2.66 -9.45
C ASP A 246 4.15 -3.49 -10.58
N PHE A 247 4.79 -3.48 -11.75
CA PHE A 247 4.46 -4.41 -12.82
C PHE A 247 5.12 -5.74 -12.49
N GLY A 248 4.40 -6.58 -11.76
CA GLY A 248 4.96 -7.80 -11.21
C GLY A 248 4.00 -8.37 -10.17
N ASN A 249 4.51 -9.24 -9.31
CA ASN A 249 3.69 -9.82 -8.25
C ASN A 249 3.55 -8.79 -7.12
N HIS A 250 2.63 -7.85 -7.32
CA HIS A 250 2.34 -6.77 -6.39
C HIS A 250 0.86 -6.46 -6.47
N PRO A 251 0.24 -6.04 -5.37
CA PRO A 251 -1.21 -5.77 -5.40
C PRO A 251 -1.66 -4.87 -6.53
N THR A 252 -0.86 -3.88 -6.91
CA THR A 252 -1.31 -2.96 -7.97
C THR A 252 -1.52 -3.69 -9.28
N SER A 253 -0.65 -4.66 -9.61
CA SER A 253 -0.89 -5.47 -10.81
C SER A 253 -2.13 -6.35 -10.64
N HIS A 254 -2.35 -6.87 -9.44
CA HIS A 254 -3.56 -7.63 -9.16
C HIS A 254 -4.82 -6.79 -9.39
N LEU A 255 -4.68 -5.47 -9.43
CA LEU A 255 -5.82 -4.59 -9.65
C LEU A 255 -6.00 -4.27 -11.13
N MET A 256 -4.92 -3.85 -11.83
CA MET A 256 -5.06 -3.24 -13.14
C MET A 256 -4.30 -3.94 -14.26
N GLN A 257 -3.76 -5.14 -14.04
CA GLN A 257 -2.96 -5.77 -15.09
C GLN A 257 -3.72 -5.94 -16.39
N SER A 258 -5.06 -6.00 -16.36
CA SER A 258 -5.84 -6.15 -17.58
C SER A 258 -6.02 -4.86 -18.35
N ILE A 259 -5.80 -3.70 -17.73
CA ILE A 259 -6.24 -2.43 -18.31
C ILE A 259 -5.40 -2.02 -19.51
N PRO A 260 -4.05 -2.10 -19.47
CA PRO A 260 -3.28 -1.74 -20.67
C PRO A 260 -3.73 -2.46 -21.93
N GLY A 261 -3.95 -3.76 -21.85
CA GLY A 261 -4.38 -4.52 -23.01
C GLY A 261 -5.81 -4.27 -23.45
N MET A 262 -6.63 -3.63 -22.61
CA MET A 262 -8.01 -3.35 -22.98
C MET A 262 -8.19 -1.96 -23.58
N HIS A 263 -7.16 -1.13 -23.59
CA HIS A 263 -7.27 0.16 -24.24
C HIS A 263 -7.58 -0.03 -25.71
N ASN A 264 -8.36 0.90 -26.25
CA ASN A 264 -8.74 0.88 -27.65
C ASN A 264 -7.57 1.31 -28.54
N PRO A 265 -6.95 0.40 -29.30
CA PRO A 265 -5.77 0.78 -30.08
C PRO A 265 -6.08 1.77 -31.18
N ASP A 266 -7.36 1.97 -31.53
CA ASP A 266 -7.69 2.94 -32.57
C ASP A 266 -7.54 4.37 -32.08
N LYS A 267 -7.72 4.60 -30.78
CA LYS A 267 -7.69 5.94 -30.21
C LYS A 267 -6.61 6.13 -29.15
N PHE A 268 -5.88 5.09 -28.78
CA PHE A 268 -4.92 5.18 -27.69
C PHE A 268 -3.68 4.35 -28.01
N GLU A 269 -2.53 4.85 -27.56
CA GLU A 269 -1.26 4.15 -27.66
C GLU A 269 -0.66 4.08 -26.26
N VAL A 270 -0.47 2.88 -25.74
CA VAL A 270 -0.21 2.66 -24.32
C VAL A 270 1.28 2.32 -24.13
N PHE A 271 1.94 3.13 -23.31
CA PHE A 271 3.33 2.93 -22.91
C PHE A 271 3.35 2.62 -21.42
N CYS A 272 3.93 1.48 -21.05
CA CYS A 272 4.11 1.13 -19.64
C CYS A 272 5.59 1.29 -19.30
N TYR A 273 5.89 2.15 -18.32
CA TYR A 273 7.25 2.40 -17.87
C TYR A 273 7.45 1.70 -16.53
N ALA A 274 8.19 0.59 -16.56
CA ALA A 274 8.47 -0.17 -15.34
C ALA A 274 9.65 0.44 -14.60
N LEU A 275 9.46 0.72 -13.31
CA LEU A 275 10.55 1.15 -12.46
C LEU A 275 11.22 -0.01 -11.73
N SER A 276 10.80 -1.25 -11.96
CA SER A 276 11.36 -2.42 -11.32
C SER A 276 11.82 -3.42 -12.37
N PRO A 277 12.82 -4.25 -12.05
CA PRO A 277 13.24 -5.29 -12.99
C PRO A 277 12.21 -6.40 -13.10
N ASP A 278 12.37 -7.24 -14.11
CA ASP A 278 11.43 -8.31 -14.38
C ASP A 278 11.54 -9.40 -13.31
N ASP A 279 10.49 -9.57 -12.51
CA ASP A 279 10.51 -10.60 -11.47
C ASP A 279 10.11 -11.99 -11.98
N GLY A 280 9.89 -12.15 -13.28
CA GLY A 280 9.61 -13.45 -13.84
C GLY A 280 8.21 -13.98 -13.65
N THR A 281 7.30 -13.21 -13.06
CA THR A 281 5.94 -13.69 -12.83
C THR A 281 5.06 -13.43 -14.06
N ASN A 282 3.92 -14.12 -14.10
CA ASN A 282 2.98 -13.93 -15.20
C ASN A 282 2.43 -12.50 -15.22
N PHE A 283 2.36 -11.84 -14.06
CA PHE A 283 1.88 -10.46 -14.07
C PHE A 283 2.76 -9.58 -14.95
N ARG A 284 4.08 -9.75 -14.88
CA ARG A 284 4.96 -8.95 -15.71
C ARG A 284 4.89 -9.39 -17.16
N VAL A 285 4.82 -10.70 -17.41
CA VAL A 285 4.66 -11.22 -18.76
C VAL A 285 3.45 -10.59 -19.44
N LYS A 286 2.33 -10.52 -18.70
CA LYS A 286 1.08 -10.09 -19.33
C LYS A 286 1.15 -8.62 -19.75
N VAL A 287 1.64 -7.75 -18.88
CA VAL A 287 1.70 -6.32 -19.21
C VAL A 287 2.71 -6.07 -20.33
N MET A 288 3.83 -6.78 -20.29
CA MET A 288 4.80 -6.65 -21.39
C MET A 288 4.21 -7.11 -22.70
N ALA A 289 3.35 -8.12 -22.67
CA ALA A 289 2.80 -8.65 -23.92
C ALA A 289 1.63 -7.81 -24.42
N GLU A 290 0.87 -7.17 -23.53
CA GLU A 290 -0.36 -6.51 -23.94
C GLU A 290 -0.23 -5.01 -24.14
N ALA A 291 0.68 -4.35 -23.44
CA ALA A 291 0.93 -2.94 -23.73
C ALA A 291 1.46 -2.79 -25.16
N ASN A 292 1.12 -1.65 -25.79
CA ASN A 292 1.69 -1.38 -27.11
C ASN A 292 3.21 -1.26 -27.03
N HIS A 293 3.71 -0.67 -25.95
CA HIS A 293 5.14 -0.52 -25.71
C HIS A 293 5.42 -0.76 -24.24
N PHE A 294 6.55 -1.41 -23.94
CA PHE A 294 6.96 -1.65 -22.57
C PHE A 294 8.42 -1.22 -22.43
N ILE A 295 8.68 -0.29 -21.51
CA ILE A 295 10.00 0.29 -21.33
C ILE A 295 10.47 -0.02 -19.92
N ASP A 296 11.62 -0.70 -19.81
CA ASP A 296 12.18 -1.07 -18.51
C ASP A 296 13.06 0.08 -18.03
N LEU A 297 12.48 1.01 -17.28
CA LEU A 297 13.28 2.11 -16.76
C LEU A 297 14.21 1.68 -15.63
N SER A 298 14.06 0.47 -15.09
CA SER A 298 15.00 0.01 -14.08
C SER A 298 16.42 -0.10 -14.64
N GLN A 299 16.55 -0.15 -15.96
CA GLN A 299 17.85 -0.11 -16.63
C GLN A 299 18.35 1.30 -16.87
N ILE A 300 17.56 2.33 -16.53
CA ILE A 300 17.96 3.71 -16.74
C ILE A 300 17.86 4.45 -15.40
N PRO A 301 18.82 4.27 -14.50
CA PRO A 301 18.68 4.81 -13.14
C PRO A 301 18.76 6.33 -13.07
N CYS A 302 19.33 7.00 -14.07
CA CYS A 302 19.34 8.46 -14.06
C CYS A 302 17.96 8.99 -14.41
N ASN A 303 17.37 9.77 -13.49
CA ASN A 303 16.04 10.30 -13.72
C ASN A 303 16.02 11.27 -14.89
N GLY A 304 17.13 11.97 -15.14
CA GLY A 304 17.19 12.83 -16.30
C GLY A 304 17.13 12.05 -17.61
N LYS A 305 17.92 10.98 -17.70
CA LYS A 305 17.88 10.16 -18.91
C LYS A 305 16.56 9.41 -19.05
N ALA A 306 15.95 9.00 -17.94
CA ALA A 306 14.69 8.28 -18.02
C ALA A 306 13.56 9.20 -18.45
N ALA A 307 13.49 10.41 -17.87
CA ALA A 307 12.50 11.39 -18.31
C ALA A 307 12.69 11.75 -19.79
N ASP A 308 13.96 11.87 -20.23
CA ASP A 308 14.22 12.07 -21.66
C ASP A 308 13.54 10.99 -22.49
N ARG A 309 13.59 9.74 -22.02
CA ARG A 309 13.00 8.64 -22.77
C ARG A 309 11.49 8.77 -22.85
N ILE A 310 10.85 9.08 -21.71
CA ILE A 310 9.41 9.33 -21.73
C ILE A 310 9.07 10.42 -22.72
N HIS A 311 9.79 11.54 -22.65
CA HIS A 311 9.50 12.68 -23.52
C HIS A 311 9.68 12.31 -24.99
N GLN A 312 10.70 11.52 -25.31
CA GLN A 312 10.93 11.14 -26.70
C GLN A 312 9.83 10.24 -27.23
N ASP A 313 9.18 9.47 -26.35
CA ASP A 313 8.02 8.69 -26.77
C ASP A 313 6.79 9.54 -27.05
N GLY A 314 6.83 10.83 -26.72
CA GLY A 314 5.73 11.74 -27.03
C GLY A 314 4.50 11.56 -26.15
N ILE A 315 4.69 11.25 -24.87
CA ILE A 315 3.56 10.96 -23.99
C ILE A 315 2.70 12.19 -23.80
N HIS A 316 1.37 12.01 -23.92
CA HIS A 316 0.43 13.10 -23.64
C HIS A 316 0.00 13.13 -22.18
N ILE A 317 -0.36 11.98 -21.61
CA ILE A 317 -0.79 11.86 -20.22
C ILE A 317 0.11 10.84 -19.54
N LEU A 318 0.82 11.27 -18.50
CA LEU A 318 1.69 10.40 -17.71
C LEU A 318 1.03 10.12 -16.37
N VAL A 319 0.92 8.83 -16.01
CA VAL A 319 0.10 8.38 -14.89
C VAL A 319 1.02 7.87 -13.79
N ASN A 320 0.99 8.54 -12.64
CA ASN A 320 1.81 8.20 -11.48
C ASN A 320 1.08 7.14 -10.65
N MET A 321 1.58 5.91 -10.68
CA MET A 321 0.94 4.82 -9.97
C MET A 321 1.58 4.51 -8.63
N ASN A 322 2.62 5.26 -8.22
CA ASN A 322 3.31 5.00 -6.97
C ASN A 322 2.99 6.00 -5.86
N GLY A 323 2.89 7.29 -6.18
CA GLY A 323 2.87 8.24 -5.09
C GLY A 323 4.05 8.01 -4.16
N TYR A 324 3.82 8.15 -2.86
CA TYR A 324 4.88 7.96 -1.86
C TYR A 324 4.80 6.53 -1.34
N THR A 325 5.27 5.61 -2.18
CA THR A 325 5.38 4.19 -1.82
C THR A 325 6.75 3.70 -2.25
N LYS A 326 7.11 2.51 -1.77
CA LYS A 326 8.37 1.90 -2.16
C LYS A 326 8.48 1.81 -3.67
N GLY A 327 9.67 2.13 -4.18
CA GLY A 327 9.97 2.00 -5.59
C GLY A 327 9.61 3.20 -6.42
N ALA A 328 9.03 4.24 -5.83
CA ALA A 328 8.66 5.41 -6.59
C ALA A 328 9.89 6.15 -7.10
N ARG A 329 9.76 6.77 -8.27
CA ARG A 329 10.74 7.70 -8.80
C ARG A 329 9.96 8.96 -9.20
N ASN A 330 9.43 9.66 -8.21
CA ASN A 330 8.66 10.85 -8.47
C ASN A 330 9.50 11.97 -9.06
N GLU A 331 10.83 11.86 -8.98
CA GLU A 331 11.70 12.76 -9.74
C GLU A 331 11.32 12.80 -11.20
N LEU A 332 10.84 11.68 -11.75
CA LEU A 332 10.42 11.64 -13.15
C LEU A 332 9.27 12.60 -13.40
N PHE A 333 8.32 12.67 -12.47
CA PHE A 333 7.21 13.59 -12.65
C PHE A 333 7.59 15.03 -12.34
N ALA A 334 8.49 15.25 -11.38
CA ALA A 334 8.96 16.59 -11.10
C ALA A 334 9.57 17.26 -12.33
N LEU A 335 10.18 16.46 -13.22
CA LEU A 335 10.78 16.98 -14.44
C LEU A 335 9.76 17.28 -15.53
N ARG A 336 8.51 16.85 -15.36
CA ARG A 336 7.42 17.17 -16.28
C ARG A 336 7.75 16.84 -17.74
N PRO A 337 7.98 15.55 -18.05
CA PRO A 337 8.17 15.17 -19.45
C PRO A 337 6.89 15.11 -20.26
N ALA A 338 5.73 15.24 -19.61
CA ALA A 338 4.43 15.19 -20.26
C ALA A 338 3.63 16.43 -19.89
N PRO A 339 2.71 16.86 -20.76
CA PRO A 339 1.92 18.05 -20.44
C PRO A 339 0.80 17.82 -19.45
N ILE A 340 0.33 16.58 -19.28
CA ILE A 340 -0.69 16.25 -18.30
C ILE A 340 -0.20 15.07 -17.47
N GLN A 341 -0.19 15.22 -16.14
CA GLN A 341 0.31 14.19 -15.25
C GLN A 341 -0.70 13.95 -14.14
N ALA A 342 -1.14 12.70 -13.98
CA ALA A 342 -2.24 12.35 -13.09
C ALA A 342 -1.82 11.28 -12.08
N MET A 343 -2.32 11.43 -10.85
CA MET A 343 -2.24 10.35 -9.87
C MET A 343 -3.35 9.34 -10.12
N TRP A 344 -3.04 8.05 -10.01
CA TRP A 344 -4.04 7.01 -10.25
C TRP A 344 -3.73 5.75 -9.46
N LEU A 345 -4.62 5.41 -8.53
CA LEU A 345 -4.83 4.04 -8.05
C LEU A 345 -3.82 3.53 -7.02
N GLY A 346 -2.53 3.71 -7.28
CA GLY A 346 -1.53 3.10 -6.43
C GLY A 346 -1.34 3.78 -5.09
N TYR A 347 -1.60 5.08 -5.00
CA TYR A 347 -1.35 5.83 -3.78
C TYR A 347 -2.62 6.47 -3.28
N PRO A 348 -3.12 6.10 -2.05
CA PRO A 348 -4.40 6.64 -1.55
C PRO A 348 -4.24 7.99 -0.85
N GLY A 349 -3.93 9.02 -1.64
CA GLY A 349 -3.77 10.34 -1.06
C GLY A 349 -3.18 11.30 -2.08
N THR A 350 -3.03 12.54 -1.63
CA THR A 350 -2.52 13.58 -2.50
C THR A 350 -1.00 13.56 -2.52
N SER A 351 -0.43 13.94 -3.67
CA SER A 351 1.00 14.20 -3.74
C SER A 351 1.37 15.52 -3.09
N GLY A 352 0.41 16.44 -2.97
CA GLY A 352 0.69 17.78 -2.47
C GLY A 352 1.69 18.55 -3.29
N ALA A 353 2.05 18.04 -4.46
CA ALA A 353 3.16 18.57 -5.25
C ALA A 353 2.66 19.31 -6.47
N LEU A 354 3.39 20.36 -6.86
CA LEU A 354 3.01 21.16 -8.01
C LEU A 354 3.11 20.40 -9.33
N PHE A 355 3.93 19.34 -9.40
CA PHE A 355 4.17 18.68 -10.67
C PHE A 355 3.11 17.66 -11.04
N MET A 356 2.10 17.44 -10.20
CA MET A 356 0.96 16.58 -10.51
C MET A 356 -0.26 17.44 -10.75
N ASP A 357 -0.91 17.24 -11.90
CA ASP A 357 -2.07 18.05 -12.28
C ASP A 357 -3.39 17.49 -11.74
N TYR A 358 -3.56 16.17 -11.77
CA TYR A 358 -4.84 15.56 -11.45
C TYR A 358 -4.65 14.38 -10.52
N ILE A 359 -5.68 14.08 -9.75
CA ILE A 359 -5.82 12.78 -9.10
C ILE A 359 -7.10 12.14 -9.61
N ILE A 360 -6.98 10.92 -10.11
CA ILE A 360 -8.13 10.19 -10.63
C ILE A 360 -8.84 9.51 -9.47
N THR A 361 -10.10 9.88 -9.27
CA THR A 361 -10.88 9.45 -8.10
C THR A 361 -12.35 9.39 -8.49
N ASP A 362 -13.26 9.62 -7.54
CA ASP A 362 -14.68 9.64 -7.88
C ASP A 362 -15.42 10.46 -6.82
N GLN A 363 -16.69 10.75 -7.12
CA GLN A 363 -17.46 11.63 -6.26
C GLN A 363 -17.73 11.03 -4.88
N GLU A 364 -17.79 9.71 -4.79
CA GLU A 364 -17.98 9.09 -3.48
C GLU A 364 -16.69 9.17 -2.66
N THR A 365 -15.57 8.80 -3.27
CA THR A 365 -14.29 8.84 -2.57
C THR A 365 -13.90 10.26 -2.19
N SER A 366 -14.10 11.21 -3.09
CA SER A 366 -13.57 12.57 -2.95
C SER A 366 -14.62 13.58 -3.35
N PRO A 367 -15.65 13.76 -2.51
CA PRO A 367 -16.69 14.75 -2.84
C PRO A 367 -16.09 16.14 -3.00
N ALA A 368 -16.69 16.91 -3.91
CA ALA A 368 -16.13 18.21 -4.26
C ALA A 368 -15.96 19.10 -3.04
N GLU A 369 -16.75 18.87 -1.99
CA GLU A 369 -16.67 19.71 -0.80
C GLU A 369 -15.40 19.48 0.01
N VAL A 370 -14.59 18.49 -0.34
CA VAL A 370 -13.32 18.25 0.33
C VAL A 370 -12.13 18.38 -0.63
N ALA A 371 -12.31 19.11 -1.73
CA ALA A 371 -11.23 19.26 -2.70
C ALA A 371 -9.99 19.89 -2.08
N GLU A 372 -10.14 20.61 -0.96
CA GLU A 372 -8.99 21.27 -0.34
C GLU A 372 -8.01 20.28 0.27
N GLN A 373 -8.41 19.03 0.47
CA GLN A 373 -7.49 18.01 0.96
C GLN A 373 -6.45 17.63 -0.09
N TYR A 374 -6.66 17.99 -1.36
CA TYR A 374 -5.80 17.57 -2.45
C TYR A 374 -5.14 18.78 -3.10
N SER A 375 -3.85 18.66 -3.42
CA SER A 375 -3.22 19.70 -4.23
C SER A 375 -3.64 19.59 -5.69
N GLU A 376 -3.97 18.39 -6.16
CA GLU A 376 -4.37 18.16 -7.54
C GLU A 376 -5.81 18.59 -7.79
N LYS A 377 -6.14 18.75 -9.06
CA LYS A 377 -7.54 18.87 -9.47
C LYS A 377 -8.18 17.49 -9.50
N LEU A 378 -9.45 17.43 -9.09
CA LEU A 378 -10.19 16.16 -9.06
C LEU A 378 -10.60 15.76 -10.47
N ALA A 379 -10.40 14.50 -10.81
CA ALA A 379 -10.84 13.92 -12.08
C ALA A 379 -11.66 12.68 -11.76
N TYR A 380 -12.97 12.73 -12.01
CA TYR A 380 -13.91 11.72 -11.51
C TYR A 380 -14.09 10.58 -12.50
N MET A 381 -13.87 9.36 -12.04
CA MET A 381 -14.46 8.24 -12.76
C MET A 381 -15.95 8.18 -12.42
N PRO A 382 -16.77 7.62 -13.31
CA PRO A 382 -18.23 7.73 -13.12
C PRO A 382 -18.77 6.94 -11.95
N HIS A 383 -18.15 5.83 -11.58
CA HIS A 383 -18.66 5.03 -10.47
C HIS A 383 -17.67 5.03 -9.31
N THR A 384 -16.68 4.15 -9.36
CA THR A 384 -15.57 4.23 -8.44
C THR A 384 -14.28 4.23 -9.24
N PHE A 385 -13.24 4.88 -8.70
CA PHE A 385 -11.92 4.81 -9.33
C PHE A 385 -11.24 3.49 -9.07
N PHE A 386 -11.70 2.73 -8.07
CA PHE A 386 -11.06 1.46 -7.76
C PHE A 386 -11.50 0.40 -8.74
N ILE A 387 -10.65 -0.62 -8.91
CA ILE A 387 -10.88 -1.69 -9.87
C ILE A 387 -10.07 -2.88 -9.40
N GLY A 388 -10.43 -4.07 -9.87
CA GLY A 388 -9.67 -5.26 -9.57
C GLY A 388 -9.77 -6.24 -10.71
N ASP A 389 -8.78 -7.12 -10.83
CA ASP A 389 -8.75 -8.11 -11.91
C ASP A 389 -9.38 -9.44 -11.50
N HIS A 390 -10.23 -9.43 -10.46
CA HIS A 390 -10.71 -10.68 -9.86
C HIS A 390 -11.43 -11.56 -10.87
N ALA A 391 -12.18 -10.96 -11.80
CA ALA A 391 -12.91 -11.77 -12.77
C ALA A 391 -11.95 -12.56 -13.67
N ASN A 392 -10.81 -11.96 -14.00
CA ASN A 392 -9.80 -12.63 -14.82
C ASN A 392 -8.93 -13.57 -13.99
N MET A 393 -8.56 -13.16 -12.76
CA MET A 393 -7.64 -13.95 -11.95
C MET A 393 -8.33 -15.10 -11.23
N PHE A 394 -9.54 -14.87 -10.72
CA PHE A 394 -10.17 -15.87 -9.88
C PHE A 394 -11.54 -16.29 -10.41
N PRO A 395 -11.64 -16.72 -11.69
CA PRO A 395 -12.95 -17.17 -12.18
C PRO A 395 -13.42 -18.47 -11.55
N HIS A 396 -12.53 -19.22 -10.90
CA HIS A 396 -12.99 -20.45 -10.26
C HIS A 396 -13.89 -20.16 -9.07
N LEU A 397 -13.88 -18.94 -8.56
CA LEU A 397 -14.76 -18.52 -7.47
C LEU A 397 -16.09 -17.94 -7.96
N LYS A 398 -16.34 -17.94 -9.28
CA LYS A 398 -17.62 -17.46 -9.78
C LYS A 398 -18.77 -18.35 -9.34
N LYS A 399 -18.51 -19.64 -9.13
CA LYS A 399 -19.52 -20.57 -8.66
C LYS A 399 -18.98 -21.33 -7.45
N LYS A 400 -19.91 -21.88 -6.67
CA LYS A 400 -19.53 -22.67 -5.52
C LYS A 400 -20.58 -23.75 -5.27
N ALA A 401 -20.17 -24.78 -4.56
CA ALA A 401 -21.07 -25.77 -4.00
C ALA A 401 -20.66 -25.99 -2.56
N VAL A 402 -21.56 -26.63 -1.80
CA VAL A 402 -21.29 -26.92 -0.40
C VAL A 402 -21.61 -28.37 -0.11
N ILE A 403 -21.09 -28.86 1.01
CA ILE A 403 -21.41 -30.19 1.53
C ILE A 403 -22.31 -30.02 2.73
N ASP A 404 -23.43 -30.74 2.72
CA ASP A 404 -24.43 -30.68 3.80
C ASP A 404 -24.05 -31.72 4.85
N PHE A 405 -23.15 -31.31 5.75
CA PHE A 405 -22.64 -32.22 6.78
C PHE A 405 -23.65 -32.49 7.88
N LYS A 406 -24.80 -31.80 7.88
CA LYS A 406 -25.85 -32.07 8.85
C LYS A 406 -26.35 -33.51 8.75
N ILE A 411 -29.03 -25.74 6.03
CA ILE A 411 -27.93 -25.78 5.06
C ILE A 411 -27.17 -24.44 5.00
N TYR A 412 -25.86 -24.50 5.16
CA TYR A 412 -25.02 -23.32 5.20
C TYR A 412 -24.34 -23.08 3.85
N ASP A 413 -24.07 -21.81 3.57
CA ASP A 413 -23.34 -21.46 2.35
C ASP A 413 -21.85 -21.23 2.58
N ASN A 414 -21.35 -21.41 3.81
CA ASN A 414 -19.98 -20.96 4.11
C ASN A 414 -19.31 -21.76 5.22
N ARG A 415 -19.68 -23.03 5.40
CA ARG A 415 -19.03 -23.92 6.35
C ARG A 415 -18.08 -24.89 5.67
N ILE A 416 -18.53 -25.55 4.60
CA ILE A 416 -17.71 -26.43 3.78
C ILE A 416 -18.00 -26.04 2.33
N VAL A 417 -16.99 -25.52 1.63
CA VAL A 417 -17.19 -24.91 0.33
C VAL A 417 -16.29 -25.56 -0.70
N LEU A 418 -16.84 -25.83 -1.88
CA LEU A 418 -16.06 -26.29 -3.03
C LEU A 418 -16.14 -25.24 -4.14
N ASN A 419 -15.00 -25.00 -4.79
CA ASN A 419 -14.94 -24.18 -6.01
C ASN A 419 -14.13 -24.91 -7.06
N GLY A 420 -14.43 -24.62 -8.33
CA GLY A 420 -13.59 -25.13 -9.41
C GLY A 420 -14.10 -24.88 -10.80
N ILE A 421 -13.18 -24.83 -11.76
CA ILE A 421 -13.55 -24.65 -13.17
C ILE A 421 -14.40 -25.84 -13.64
N ASP A 422 -13.97 -27.04 -13.29
CA ASP A 422 -14.68 -28.27 -13.64
C ASP A 422 -15.66 -28.70 -12.57
N LEU A 423 -16.11 -27.78 -11.70
CA LEU A 423 -17.00 -28.17 -10.61
C LEU A 423 -18.36 -28.61 -11.13
N LYS A 424 -18.92 -27.88 -12.09
CA LYS A 424 -20.20 -28.28 -12.67
C LYS A 424 -20.06 -29.64 -13.35
N ALA A 425 -19.02 -29.82 -14.18
CA ALA A 425 -18.79 -31.11 -14.79
C ALA A 425 -18.71 -32.20 -13.74
N PHE A 426 -18.08 -31.90 -12.60
CA PHE A 426 -17.98 -32.88 -11.52
C PHE A 426 -19.35 -33.24 -10.96
N LEU A 427 -20.19 -32.23 -10.69
CA LEU A 427 -21.49 -32.49 -10.07
C LEU A 427 -22.43 -33.23 -11.01
N ASP A 428 -22.23 -33.13 -12.33
CA ASP A 428 -23.05 -33.91 -13.26
C ASP A 428 -22.98 -35.41 -12.95
N SER A 429 -21.87 -35.86 -12.37
CA SER A 429 -21.66 -37.28 -12.14
C SER A 429 -22.24 -37.78 -10.82
N LEU A 430 -22.69 -36.87 -9.94
CA LEU A 430 -23.16 -37.23 -8.61
C LEU A 430 -24.69 -37.12 -8.55
N PRO A 431 -25.43 -38.22 -8.75
CA PRO A 431 -26.88 -38.10 -8.90
C PRO A 431 -27.61 -37.59 -7.68
N ASP A 432 -27.02 -37.62 -6.49
CA ASP A 432 -27.75 -37.29 -5.28
C ASP A 432 -27.53 -35.84 -4.81
N VAL A 433 -26.87 -35.02 -5.63
CA VAL A 433 -26.72 -33.61 -5.30
C VAL A 433 -28.07 -32.92 -5.36
N LYS A 434 -28.29 -31.98 -4.42
CA LYS A 434 -29.49 -31.16 -4.38
C LYS A 434 -29.15 -29.74 -4.79
N ILE A 435 -30.03 -29.10 -5.55
CA ILE A 435 -29.86 -27.71 -5.96
C ILE A 435 -30.73 -26.83 -5.08
N VAL A 436 -30.10 -25.83 -4.46
CA VAL A 436 -30.78 -24.88 -3.59
C VAL A 436 -30.82 -23.53 -4.28
N LYS A 437 -32.01 -22.94 -4.35
CA LYS A 437 -32.19 -21.58 -4.86
C LYS A 437 -32.58 -20.66 -3.71
N MET A 438 -31.72 -19.69 -3.41
CA MET A 438 -31.93 -18.78 -2.29
C MET A 438 -33.17 -17.91 -2.51
N LEU A 454 -27.72 -16.60 -9.24
CA LEU A 454 -27.57 -18.04 -9.47
C LEU A 454 -27.79 -18.82 -8.17
N ASN A 455 -27.96 -20.14 -8.29
CA ASN A 455 -28.28 -21.00 -7.16
C ASN A 455 -27.07 -21.87 -6.80
N MET A 456 -27.23 -22.68 -5.76
CA MET A 456 -26.11 -23.31 -5.08
C MET A 456 -26.33 -24.82 -4.97
N PRO A 457 -25.46 -25.64 -5.56
CA PRO A 457 -25.58 -27.10 -5.38
C PRO A 457 -25.09 -27.55 -4.01
N VAL A 458 -25.76 -28.57 -3.48
CA VAL A 458 -25.53 -29.06 -2.12
C VAL A 458 -25.25 -30.55 -2.20
N ILE A 459 -24.03 -30.95 -1.83
CA ILE A 459 -23.66 -32.36 -1.83
C ILE A 459 -24.11 -32.97 -0.52
N PRO A 460 -24.94 -34.01 -0.56
CA PRO A 460 -25.38 -34.65 0.69
C PRO A 460 -24.22 -35.38 1.36
N MET A 461 -24.48 -35.86 2.57
CA MET A 461 -23.46 -36.55 3.35
C MET A 461 -23.37 -38.00 2.86
N ASN A 462 -22.73 -38.17 1.71
CA ASN A 462 -22.59 -39.46 1.06
C ASN A 462 -21.13 -39.93 1.10
N THR A 463 -20.85 -40.97 0.32
CA THR A 463 -19.50 -41.53 0.28
C THR A 463 -18.48 -40.50 -0.20
N ILE A 464 -18.77 -39.79 -1.29
CA ILE A 464 -17.85 -38.79 -1.79
C ILE A 464 -17.61 -37.71 -0.74
N ALA A 465 -18.69 -37.24 -0.12
CA ALA A 465 -18.55 -36.20 0.90
C ALA A 465 -17.66 -36.65 2.04
N GLU A 466 -17.82 -37.90 2.48
CA GLU A 466 -17.01 -38.42 3.58
C GLU A 466 -15.54 -38.43 3.21
N ALA A 467 -15.23 -38.76 1.97
CA ALA A 467 -13.83 -38.80 1.56
C ALA A 467 -13.22 -37.41 1.51
N VAL A 468 -14.00 -36.41 1.06
CA VAL A 468 -13.52 -35.03 1.07
C VAL A 468 -13.22 -34.58 2.50
N ILE A 469 -14.17 -34.81 3.42
CA ILE A 469 -13.97 -34.41 4.81
C ILE A 469 -12.82 -35.18 5.43
N GLU A 470 -12.65 -36.45 5.04
CA GLU A 470 -11.50 -37.21 5.55
C GLU A 470 -10.19 -36.57 5.09
N MET A 471 -10.12 -36.13 3.84
CA MET A 471 -8.92 -35.45 3.35
C MET A 471 -8.59 -34.23 4.19
N ILE A 472 -9.61 -33.41 4.50
CA ILE A 472 -9.38 -32.21 5.31
C ILE A 472 -8.93 -32.59 6.71
N ASN A 473 -9.70 -33.46 7.38
CA ASN A 473 -9.35 -33.87 8.74
C ASN A 473 -7.98 -34.52 8.77
N ARG A 474 -7.70 -35.41 7.82
CA ARG A 474 -6.41 -36.09 7.80
C ARG A 474 -5.28 -35.18 7.34
N GLY A 475 -5.60 -34.03 6.74
CA GLY A 475 -4.58 -33.14 6.22
C GLY A 475 -3.93 -33.60 4.93
N GLN A 476 -4.57 -34.48 4.18
CA GLN A 476 -4.04 -34.90 2.89
C GLN A 476 -4.05 -33.72 1.91
N ILE A 477 -3.26 -33.86 0.84
CA ILE A 477 -3.06 -32.75 -0.10
C ILE A 477 -4.14 -32.74 -1.16
N GLN A 478 -4.44 -33.89 -1.75
CA GLN A 478 -5.57 -33.98 -2.66
C GLN A 478 -5.93 -35.44 -2.83
N ILE A 479 -7.13 -35.66 -3.39
CA ILE A 479 -7.65 -36.97 -3.71
C ILE A 479 -8.24 -36.89 -5.11
N THR A 480 -8.61 -38.06 -5.64
CA THR A 480 -9.18 -38.16 -6.98
C THR A 480 -10.49 -38.94 -6.90
N ILE A 481 -11.56 -38.37 -7.46
CA ILE A 481 -12.86 -39.01 -7.51
C ILE A 481 -13.41 -38.87 -8.93
N ASN A 482 -13.78 -39.98 -9.54
CA ASN A 482 -14.31 -39.98 -10.91
C ASN A 482 -13.33 -39.33 -11.89
N GLY A 483 -12.03 -39.45 -11.64
CA GLY A 483 -11.04 -38.79 -12.44
C GLY A 483 -10.81 -37.33 -12.13
N PHE A 484 -11.60 -36.73 -11.22
CA PHE A 484 -11.45 -35.33 -10.86
C PHE A 484 -10.53 -35.17 -9.66
N SER A 485 -9.54 -34.29 -9.78
CA SER A 485 -8.67 -33.93 -8.67
C SER A 485 -9.41 -32.98 -7.72
N ILE A 486 -9.48 -33.34 -6.44
CA ILE A 486 -10.07 -32.52 -5.40
C ILE A 486 -8.94 -32.13 -4.44
N SER A 487 -8.67 -30.84 -4.33
CA SER A 487 -7.50 -30.35 -3.61
C SER A 487 -7.87 -29.77 -2.24
N ASN A 488 -6.98 -30.00 -1.27
CA ASN A 488 -7.09 -29.37 0.04
C ASN A 488 -6.70 -27.89 -0.09
N GLY A 489 -7.60 -26.99 0.29
CA GLY A 489 -7.38 -25.57 0.09
C GLY A 489 -6.18 -25.01 0.81
N LEU A 490 -5.66 -25.73 1.81
CA LEU A 490 -4.49 -25.31 2.56
C LEU A 490 -3.18 -25.71 1.88
N ALA A 491 -3.24 -26.47 0.78
CA ALA A 491 -2.04 -27.05 0.18
C ALA A 491 -1.78 -26.55 -1.24
N THR A 492 -2.33 -25.40 -1.61
CA THR A 492 -2.23 -24.94 -3.00
C THR A 492 -0.77 -24.76 -3.44
N THR A 493 0.10 -24.27 -2.55
CA THR A 493 1.48 -24.06 -2.99
C THR A 493 2.20 -25.37 -3.30
N GLN A 494 1.78 -26.48 -2.67
CA GLN A 494 2.35 -27.78 -2.99
C GLN A 494 1.78 -28.35 -4.27
N ILE A 495 0.61 -27.91 -4.70
CA ILE A 495 -0.02 -28.43 -5.91
C ILE A 495 0.39 -27.60 -7.12
N ASN A 496 0.32 -26.27 -7.03
CA ASN A 496 0.66 -25.40 -8.16
C ASN A 496 0.98 -24.02 -7.57
N ASN A 497 2.27 -23.70 -7.46
CA ASN A 497 2.63 -22.40 -6.88
C ASN A 497 2.07 -21.24 -7.70
N LYS A 498 1.94 -21.40 -9.03
CA LYS A 498 1.41 -20.33 -9.86
C LYS A 498 -0.07 -20.09 -9.61
N ALA A 499 -0.81 -21.13 -9.21
CA ALA A 499 -2.21 -20.94 -8.85
C ALA A 499 -2.32 -20.22 -7.51
N ALA A 500 -1.45 -20.56 -6.55
CA ALA A 500 -1.49 -19.92 -5.23
C ALA A 500 -1.29 -18.40 -5.34
N THR A 501 -0.42 -17.97 -6.25
CA THR A 501 -0.09 -16.55 -6.37
C THR A 501 -1.11 -15.77 -7.20
N GLY A 502 -2.01 -16.43 -7.91
CA GLY A 502 -2.90 -15.76 -8.83
C GLY A 502 -2.34 -15.60 -10.23
N GLU A 503 -1.13 -16.09 -10.49
CA GLU A 503 -0.59 -16.05 -11.84
C GLU A 503 -1.34 -16.97 -12.80
N GLU A 504 -1.97 -18.02 -12.28
CA GLU A 504 -2.73 -18.96 -13.10
C GLU A 504 -4.02 -19.31 -12.37
N VAL A 505 -5.03 -19.71 -13.15
CA VAL A 505 -6.29 -20.16 -12.58
C VAL A 505 -6.12 -21.59 -12.08
N PRO A 506 -6.47 -21.88 -10.83
CA PRO A 506 -6.37 -23.26 -10.33
C PRO A 506 -7.06 -24.25 -11.25
N ARG A 507 -6.45 -25.42 -11.43
CA ARG A 507 -7.02 -26.45 -12.29
C ARG A 507 -8.01 -27.34 -11.55
N THR A 508 -7.76 -27.62 -10.27
CA THR A 508 -8.51 -28.63 -9.55
C THR A 508 -9.74 -28.01 -8.87
N ILE A 509 -10.59 -28.89 -8.34
CA ILE A 509 -11.67 -28.48 -7.42
C ILE A 509 -11.08 -28.34 -6.03
N ILE A 510 -11.26 -27.17 -5.41
CA ILE A 510 -10.62 -26.84 -4.14
C ILE A 510 -11.65 -26.89 -3.03
N VAL A 511 -11.25 -27.44 -1.88
CA VAL A 511 -12.12 -27.57 -0.71
C VAL A 511 -11.64 -26.59 0.35
N THR A 512 -12.58 -25.78 0.85
CA THR A 512 -12.30 -24.74 1.83
C THR A 512 -13.29 -24.89 2.97
N THR A 513 -12.81 -24.93 4.21
CA THR A 513 -13.71 -25.21 5.32
C THR A 513 -13.38 -24.34 6.53
N ARG A 514 -14.41 -24.09 7.34
CA ARG A 514 -14.21 -23.38 8.60
C ARG A 514 -13.27 -24.15 9.53
N SER A 515 -13.31 -25.48 9.47
CA SER A 515 -12.45 -26.28 10.34
C SER A 515 -10.97 -26.03 10.04
N GLN A 516 -10.65 -25.71 8.79
CA GLN A 516 -9.26 -25.44 8.41
C GLN A 516 -8.68 -24.27 9.20
N TYR A 517 -9.53 -23.34 9.65
CA TYR A 517 -9.08 -22.11 10.30
C TYR A 517 -9.58 -21.97 11.73
N GLY A 518 -10.11 -23.05 12.32
CA GLY A 518 -10.58 -22.98 13.69
C GLY A 518 -11.82 -22.16 13.90
N LEU A 519 -12.61 -21.93 12.85
CA LEU A 519 -13.83 -21.13 12.98
C LEU A 519 -15.00 -22.01 13.39
N PRO A 520 -15.91 -21.49 14.20
CA PRO A 520 -17.02 -22.32 14.70
C PRO A 520 -18.02 -22.64 13.59
N GLU A 521 -18.58 -23.85 13.66
CA GLU A 521 -19.55 -24.32 12.67
C GLU A 521 -20.94 -23.73 12.89
N ASP A 522 -21.23 -23.19 14.06
CA ASP A 522 -22.59 -22.81 14.44
C ASP A 522 -22.60 -21.39 15.02
N ALA A 523 -21.88 -20.48 14.38
CA ALA A 523 -21.84 -19.11 14.87
C ALA A 523 -21.48 -18.18 13.73
N ILE A 524 -21.77 -16.90 13.95
CA ILE A 524 -21.48 -15.85 12.97
C ILE A 524 -20.00 -15.53 13.01
N VAL A 525 -19.38 -15.45 11.83
CA VAL A 525 -17.99 -15.05 11.68
C VAL A 525 -17.97 -13.65 11.07
N TYR A 526 -17.46 -12.68 11.82
CA TYR A 526 -17.09 -11.37 11.31
C TYR A 526 -15.60 -11.40 10.99
N CYS A 527 -15.19 -10.89 9.83
CA CYS A 527 -13.78 -10.93 9.46
C CYS A 527 -13.25 -9.55 9.13
N ASN A 528 -11.94 -9.41 9.30
CA ASN A 528 -11.18 -8.31 8.69
C ASN A 528 -9.77 -8.80 8.46
N PHE A 529 -9.31 -8.72 7.21
CA PHE A 529 -8.03 -9.26 6.79
C PHE A 529 -6.99 -8.18 6.50
N ASN A 530 -7.14 -7.00 7.10
CA ASN A 530 -6.23 -5.90 6.87
C ASN A 530 -5.01 -6.00 7.78
N GLN A 531 -3.94 -5.28 7.41
CA GLN A 531 -2.83 -5.12 8.32
C GLN A 531 -3.32 -4.54 9.64
N LEU A 532 -2.75 -5.00 10.75
CA LEU A 532 -3.24 -4.60 12.06
C LEU A 532 -3.03 -3.12 12.36
N TYR A 533 -2.12 -2.45 11.64
CA TYR A 533 -1.91 -1.02 11.91
C TYR A 533 -3.11 -0.16 11.50
N LYS A 534 -4.02 -0.70 10.68
CA LYS A 534 -5.24 0.00 10.34
C LYS A 534 -6.30 -0.07 11.44
N ILE A 535 -6.02 -0.77 12.54
CA ILE A 535 -6.92 -0.86 13.68
C ILE A 535 -6.44 0.10 14.76
N ASP A 536 -7.37 0.80 15.38
CA ASP A 536 -7.10 1.65 16.53
C ASP A 536 -8.04 1.28 17.67
N PRO A 537 -7.82 1.82 18.87
CA PRO A 537 -8.71 1.48 19.99
C PRO A 537 -10.19 1.73 19.69
N SER A 538 -10.50 2.85 19.04
CA SER A 538 -11.90 3.17 18.75
C SER A 538 -12.52 2.09 17.89
N THR A 539 -11.77 1.55 16.93
CA THR A 539 -12.30 0.52 16.04
C THR A 539 -12.57 -0.77 16.80
N LEU A 540 -11.61 -1.20 17.63
CA LEU A 540 -11.80 -2.44 18.38
C LEU A 540 -12.97 -2.32 19.35
N GLN A 541 -13.11 -1.15 19.98
CA GLN A 541 -14.27 -0.90 20.84
C GLN A 541 -15.57 -1.06 20.05
N MET A 542 -15.59 -0.57 18.81
CA MET A 542 -16.79 -0.70 17.99
C MET A 542 -17.07 -2.16 17.68
N TRP A 543 -16.03 -2.90 17.29
CA TRP A 543 -16.19 -4.33 17.04
C TRP A 543 -16.63 -5.06 18.31
N ALA A 544 -16.08 -4.67 19.46
CA ALA A 544 -16.52 -5.27 20.72
C ALA A 544 -18.01 -5.05 20.96
N ASN A 545 -18.51 -3.83 20.70
CA ASN A 545 -19.93 -3.57 20.88
C ASN A 545 -20.77 -4.50 20.03
N ILE A 546 -20.27 -4.86 18.83
CA ILE A 546 -21.02 -5.73 17.93
C ILE A 546 -21.04 -7.16 18.47
N LEU A 547 -19.87 -7.69 18.83
CA LEU A 547 -19.81 -9.07 19.30
C LEU A 547 -20.64 -9.26 20.56
N LYS A 548 -20.67 -8.25 21.43
CA LYS A 548 -21.47 -8.36 22.64
C LYS A 548 -22.96 -8.47 22.32
N ARG A 549 -23.37 -7.98 21.15
CA ARG A 549 -24.78 -7.97 20.79
C ARG A 549 -25.19 -9.16 19.93
N VAL A 550 -24.24 -9.92 19.41
CA VAL A 550 -24.51 -11.13 18.67
C VAL A 550 -23.88 -12.29 19.41
N PRO A 551 -24.65 -13.02 20.23
CA PRO A 551 -24.05 -14.04 21.10
C PRO A 551 -23.27 -15.11 20.37
N ASN A 552 -23.77 -15.55 19.22
CA ASN A 552 -23.11 -16.59 18.43
C ASN A 552 -22.19 -15.94 17.39
N SER A 553 -21.03 -15.44 17.85
CA SER A 553 -20.21 -14.70 16.91
C SER A 553 -18.76 -14.55 17.38
N VAL A 554 -17.85 -14.61 16.41
CA VAL A 554 -16.43 -14.43 16.63
C VAL A 554 -15.91 -13.41 15.62
N LEU A 555 -14.70 -12.93 15.90
CA LEU A 555 -13.98 -12.00 15.02
C LEU A 555 -12.76 -12.72 14.47
N TRP A 556 -12.59 -12.67 13.14
CA TRP A 556 -11.57 -13.40 12.41
C TRP A 556 -10.59 -12.37 11.85
N LEU A 557 -9.34 -12.40 12.33
CA LEU A 557 -8.31 -11.42 12.03
C LEU A 557 -7.02 -12.11 11.56
N LEU A 558 -6.08 -11.32 11.07
CA LEU A 558 -4.84 -11.86 10.50
C LEU A 558 -3.62 -11.50 11.35
N ARG A 559 -2.70 -12.44 11.46
CA ARG A 559 -1.40 -12.23 12.11
C ARG A 559 -0.51 -11.42 11.18
N PHE A 560 -0.74 -10.12 11.17
CA PHE A 560 0.10 -9.24 10.37
C PHE A 560 0.45 -7.98 11.15
N PRO A 561 1.44 -8.08 12.05
CA PRO A 561 2.23 -9.27 12.34
C PRO A 561 1.71 -10.09 13.52
N ALA A 562 2.27 -11.29 13.69
CA ALA A 562 1.82 -12.16 14.77
C ALA A 562 2.05 -11.52 16.14
N VAL A 563 3.12 -10.74 16.30
CA VAL A 563 3.37 -10.14 17.60
C VAL A 563 2.29 -9.16 18.01
N GLY A 564 1.39 -8.79 17.10
CA GLY A 564 0.25 -7.97 17.48
C GLY A 564 -0.88 -8.75 18.12
N GLU A 565 -0.90 -10.07 17.95
CA GLU A 565 -1.99 -10.89 18.46
C GLU A 565 -2.22 -10.71 19.95
N PRO A 566 -1.22 -10.85 20.83
CA PRO A 566 -1.47 -10.70 22.26
C PRO A 566 -1.88 -9.30 22.67
N ASN A 567 -1.52 -8.27 21.90
CA ASN A 567 -1.97 -6.93 22.23
C ASN A 567 -3.46 -6.78 21.97
N ILE A 568 -3.91 -7.20 20.78
CA ILE A 568 -5.34 -7.15 20.47
CA ILE A 568 -5.34 -7.13 20.48
C ILE A 568 -6.14 -7.94 21.50
N GLN A 569 -5.64 -9.12 21.87
CA GLN A 569 -6.34 -9.96 22.84
C GLN A 569 -6.46 -9.27 24.19
N GLN A 570 -5.38 -8.65 24.65
CA GLN A 570 -5.40 -7.96 25.94
C GLN A 570 -6.41 -6.82 25.95
N TYR A 571 -6.42 -6.00 24.89
CA TYR A 571 -7.35 -4.88 24.84
C TYR A 571 -8.79 -5.36 24.69
N ALA A 572 -9.00 -6.41 23.90
CA ALA A 572 -10.35 -6.94 23.76
C ALA A 572 -10.91 -7.40 25.10
N GLN A 573 -10.08 -8.08 25.90
CA GLN A 573 -10.55 -8.52 27.22
C GLN A 573 -10.79 -7.33 28.15
N ASN A 574 -9.98 -6.28 28.05
CA ASN A 574 -10.25 -5.06 28.80
C ASN A 574 -11.59 -4.45 28.42
N MET A 575 -12.09 -4.76 27.23
CA MET A 575 -13.37 -4.26 26.75
C MET A 575 -14.52 -5.22 27.01
N GLY A 576 -14.25 -6.35 27.67
CA GLY A 576 -15.28 -7.32 27.98
C GLY A 576 -15.42 -8.46 27.00
N LEU A 577 -14.46 -8.68 26.12
CA LEU A 577 -14.51 -9.79 25.17
C LEU A 577 -13.55 -10.88 25.62
N PRO A 578 -14.04 -12.07 25.94
CA PRO A 578 -13.12 -13.19 26.23
C PRO A 578 -12.22 -13.49 25.04
N GLN A 579 -11.14 -14.22 25.33
CA GLN A 579 -10.10 -14.46 24.33
C GLN A 579 -10.62 -15.33 23.17
N ASN A 580 -11.50 -16.29 23.48
CA ASN A 580 -12.02 -17.21 22.47
C ASN A 580 -12.96 -16.55 21.49
N ARG A 581 -13.23 -15.26 21.62
CA ARG A 581 -14.07 -14.55 20.67
C ARG A 581 -13.29 -14.01 19.47
N ILE A 582 -11.95 -14.02 19.51
CA ILE A 582 -11.13 -13.51 18.42
C ILE A 582 -10.21 -14.62 17.94
N ILE A 583 -10.26 -14.91 16.65
CA ILE A 583 -9.52 -16.01 16.04
C ILE A 583 -8.59 -15.42 14.99
N PHE A 584 -7.31 -15.75 15.08
CA PHE A 584 -6.30 -15.25 14.14
C PHE A 584 -5.87 -16.38 13.20
N SER A 585 -5.65 -16.03 11.94
CA SER A 585 -5.05 -16.91 10.95
C SER A 585 -3.77 -16.30 10.43
N PRO A 586 -2.85 -17.11 9.90
CA PRO A 586 -1.66 -16.55 9.26
C PRO A 586 -2.00 -15.91 7.93
N VAL A 587 -1.08 -15.05 7.47
CA VAL A 587 -1.16 -14.54 6.11
C VAL A 587 -1.09 -15.71 5.13
N ALA A 588 -1.94 -15.66 4.10
CA ALA A 588 -2.03 -16.73 3.12
C ALA A 588 -1.60 -16.25 1.75
N PRO A 589 -1.30 -17.17 0.83
CA PRO A 589 -1.05 -16.78 -0.56
C PRO A 589 -2.31 -16.15 -1.13
N LYS A 590 -2.11 -15.37 -2.19
CA LYS A 590 -3.17 -14.51 -2.72
C LYS A 590 -4.47 -15.29 -2.97
N GLU A 591 -4.37 -16.42 -3.66
CA GLU A 591 -5.59 -17.14 -4.05
C GLU A 591 -6.33 -17.69 -2.84
N GLU A 592 -5.61 -18.27 -1.88
CA GLU A 592 -6.25 -18.75 -0.65
C GLU A 592 -6.86 -17.59 0.13
N HIS A 593 -6.16 -16.47 0.18
CA HIS A 593 -6.66 -15.30 0.91
C HIS A 593 -8.03 -14.87 0.38
N VAL A 594 -8.18 -14.78 -0.94
CA VAL A 594 -9.47 -14.42 -1.51
C VAL A 594 -10.48 -15.54 -1.29
N ARG A 595 -10.05 -16.78 -1.54
CA ARG A 595 -10.99 -17.91 -1.48
C ARG A 595 -11.54 -18.09 -0.07
N ARG A 596 -10.69 -17.98 0.95
CA ARG A 596 -11.20 -18.25 2.30
C ARG A 596 -12.13 -17.15 2.82
N GLY A 597 -12.21 -16.00 2.14
CA GLY A 597 -13.23 -15.03 2.49
C GLY A 597 -14.65 -15.57 2.37
N GLN A 598 -14.85 -16.62 1.58
CA GLN A 598 -16.16 -17.25 1.47
C GLN A 598 -16.64 -17.86 2.78
N LEU A 599 -15.73 -18.09 3.74
CA LEU A 599 -16.11 -18.70 5.01
C LEU A 599 -16.71 -17.71 5.99
N ALA A 600 -16.50 -16.41 5.80
CA ALA A 600 -17.06 -15.42 6.70
C ALA A 600 -18.53 -15.18 6.39
N ASP A 601 -19.25 -14.65 7.38
CA ASP A 601 -20.60 -14.16 7.10
C ASP A 601 -20.57 -12.69 6.69
N VAL A 602 -19.73 -11.90 7.34
CA VAL A 602 -19.72 -10.45 7.17
C VAL A 602 -18.29 -9.96 7.38
N CYS A 603 -17.90 -8.94 6.61
CA CYS A 603 -16.62 -8.27 6.79
C CYS A 603 -16.85 -6.92 7.47
N LEU A 604 -16.06 -6.64 8.49
CA LEU A 604 -16.13 -5.37 9.21
C LEU A 604 -14.97 -4.50 8.76
N ASP A 605 -15.27 -3.47 7.97
CA ASP A 605 -14.22 -2.62 7.40
C ASP A 605 -13.62 -1.72 8.48
N THR A 606 -12.34 -1.40 8.30
CA THR A 606 -11.65 -0.52 9.26
C THR A 606 -11.93 0.94 8.94
N PRO A 607 -12.55 1.71 9.85
CA PRO A 607 -12.85 3.11 9.52
C PRO A 607 -11.62 4.03 9.45
N LEU A 608 -10.55 3.74 10.20
CA LEU A 608 -9.41 4.64 10.20
C LEU A 608 -8.82 4.74 8.81
N CYS A 609 -8.50 3.59 8.23
CA CYS A 609 -8.07 3.45 6.84
C CYS A 609 -8.75 2.20 6.32
N ASN A 610 -9.61 2.34 5.31
CA ASN A 610 -10.38 1.20 4.84
C ASN A 610 -9.47 0.12 4.27
N GLY A 611 -10.01 -1.09 4.17
CA GLY A 611 -9.46 -2.04 3.23
C GLY A 611 -9.68 -1.53 1.81
N HIS A 612 -8.65 -1.68 0.98
CA HIS A 612 -8.75 -1.21 -0.39
C HIS A 612 -8.75 -2.40 -1.33
N THR A 613 -7.57 -2.99 -1.57
CA THR A 613 -7.55 -4.30 -2.25
C THR A 613 -8.39 -5.33 -1.49
N THR A 614 -8.27 -5.35 -0.16
CA THR A 614 -8.98 -6.35 0.62
C THR A 614 -10.49 -6.15 0.59
N GLY A 615 -10.93 -4.92 0.33
CA GLY A 615 -12.35 -4.70 0.11
C GLY A 615 -12.84 -5.39 -1.16
N MET A 616 -12.09 -5.21 -2.26
CA MET A 616 -12.40 -5.94 -3.48
C MET A 616 -12.37 -7.45 -3.24
N ASP A 617 -11.40 -7.92 -2.46
CA ASP A 617 -11.26 -9.37 -2.25
C ASP A 617 -12.49 -9.96 -1.58
N VAL A 618 -13.00 -9.33 -0.52
CA VAL A 618 -14.12 -9.92 0.21
C VAL A 618 -15.39 -9.87 -0.62
N LEU A 619 -15.59 -8.76 -1.35
CA LEU A 619 -16.78 -8.66 -2.20
C LEU A 619 -16.76 -9.69 -3.31
N TRP A 620 -15.58 -9.96 -3.87
CA TRP A 620 -15.51 -11.00 -4.90
C TRP A 620 -15.94 -12.36 -4.36
N ALA A 621 -15.69 -12.62 -3.08
CA ALA A 621 -16.11 -13.87 -2.45
C ALA A 621 -17.60 -13.88 -2.11
N GLY A 622 -18.29 -12.75 -2.26
CA GLY A 622 -19.71 -12.69 -1.93
C GLY A 622 -20.01 -12.29 -0.51
N THR A 623 -19.02 -11.74 0.20
CA THR A 623 -19.15 -11.43 1.62
C THR A 623 -19.52 -9.97 1.80
N PRO A 624 -20.67 -9.66 2.41
CA PRO A 624 -21.02 -8.25 2.63
C PRO A 624 -19.98 -7.59 3.53
N MET A 625 -19.63 -6.34 3.20
CA MET A 625 -18.67 -5.54 3.95
C MET A 625 -19.40 -4.32 4.53
N VAL A 626 -19.29 -4.14 5.84
CA VAL A 626 -19.87 -2.99 6.54
C VAL A 626 -18.78 -1.94 6.69
N THR A 627 -19.08 -0.69 6.31
CA THR A 627 -18.08 0.37 6.35
C THR A 627 -18.69 1.68 6.83
N MET A 628 -17.85 2.54 7.40
CA MET A 628 -18.24 3.88 7.81
C MET A 628 -17.27 4.89 7.19
N PRO A 629 -17.62 5.50 6.06
CA PRO A 629 -16.68 6.40 5.38
C PRO A 629 -16.36 7.61 6.24
N GLY A 630 -15.09 7.98 6.25
CA GLY A 630 -14.58 9.13 6.99
C GLY A 630 -14.41 10.33 6.09
N GLU A 631 -13.31 11.06 6.30
CA GLU A 631 -13.03 12.27 5.55
C GLU A 631 -11.85 12.15 4.59
N THR A 632 -10.85 11.34 4.93
CA THR A 632 -9.71 11.15 4.05
C THR A 632 -10.08 10.24 2.88
N LEU A 633 -9.31 10.35 1.80
CA LEU A 633 -9.47 9.43 0.68
C LEU A 633 -9.42 7.98 1.14
N ALA A 634 -8.42 7.66 1.98
CA ALA A 634 -8.23 6.26 2.37
C ALA A 634 -9.38 5.73 3.23
N SER A 635 -10.11 6.61 3.91
CA SER A 635 -11.21 6.19 4.77
C SER A 635 -12.55 6.13 4.04
N ARG A 636 -12.58 6.40 2.73
CA ARG A 636 -13.83 6.44 1.98
C ARG A 636 -13.85 5.49 0.79
N VAL A 637 -12.78 4.72 0.57
CA VAL A 637 -12.71 3.86 -0.61
C VAL A 637 -13.76 2.74 -0.55
N ALA A 638 -13.94 2.13 0.63
CA ALA A 638 -14.83 0.98 0.72
C ALA A 638 -16.27 1.37 0.42
N ALA A 639 -16.73 2.52 0.92
CA ALA A 639 -18.06 3.00 0.56
C ALA A 639 -18.16 3.29 -0.93
N SER A 640 -17.07 3.80 -1.54
CA SER A 640 -17.09 3.99 -2.99
C SER A 640 -17.29 2.66 -3.70
N GLN A 641 -16.66 1.60 -3.20
CA GLN A 641 -16.82 0.29 -3.81
C GLN A 641 -18.23 -0.25 -3.62
N LEU A 642 -18.79 -0.08 -2.42
CA LEU A 642 -20.14 -0.58 -2.15
C LEU A 642 -21.20 0.20 -2.94
N THR A 643 -20.95 1.49 -3.17
CA THR A 643 -21.88 2.27 -3.99
C THR A 643 -21.89 1.77 -5.42
N CYS A 644 -20.70 1.60 -6.02
CA CYS A 644 -20.62 1.01 -7.35
C CYS A 644 -21.27 -0.35 -7.38
N LEU A 645 -21.02 -1.18 -6.35
CA LEU A 645 -21.62 -2.52 -6.32
C LEU A 645 -23.14 -2.46 -6.23
N GLY A 646 -23.68 -1.39 -5.62
CA GLY A 646 -25.09 -1.25 -5.43
C GLY A 646 -25.62 -1.75 -4.10
N CYS A 647 -24.86 -1.65 -3.02
CA CYS A 647 -25.30 -2.08 -1.69
C CYS A 647 -25.21 -0.89 -0.74
N LEU A 648 -26.07 0.10 -0.94
CA LEU A 648 -26.05 1.29 -0.11
C LEU A 648 -26.39 1.00 1.34
N GLU A 649 -27.03 -0.15 1.62
CA GLU A 649 -27.42 -0.48 3.00
C GLU A 649 -26.25 -0.93 3.85
N LEU A 650 -25.08 -1.17 3.26
CA LEU A 650 -23.90 -1.56 4.03
C LEU A 650 -23.04 -0.36 4.42
N ILE A 651 -23.47 0.87 4.10
CA ILE A 651 -22.69 2.08 4.32
C ILE A 651 -23.31 2.84 5.49
N ALA A 652 -22.53 3.05 6.54
CA ALA A 652 -23.03 3.68 7.76
C ALA A 652 -22.66 5.15 7.80
N LYS A 653 -23.57 5.98 8.35
CA LYS A 653 -23.29 7.40 8.52
C LYS A 653 -22.62 7.71 9.85
N ASN A 654 -22.58 6.76 10.78
CA ASN A 654 -21.96 6.98 12.08
C ASN A 654 -21.74 5.61 12.74
N ARG A 655 -21.14 5.63 13.93
CA ARG A 655 -20.77 4.37 14.58
C ARG A 655 -21.99 3.58 15.00
N GLN A 656 -23.04 4.26 15.48
CA GLN A 656 -24.27 3.55 15.83
C GLN A 656 -24.80 2.77 14.63
N GLU A 657 -24.86 3.40 13.46
CA GLU A 657 -25.39 2.72 12.29
C GLU A 657 -24.48 1.56 11.90
N TYR A 658 -23.16 1.79 11.87
CA TYR A 658 -22.21 0.73 11.61
C TYR A 658 -22.49 -0.48 12.49
N GLU A 659 -22.63 -0.26 13.80
CA GLU A 659 -22.90 -1.35 14.73
C GLU A 659 -24.24 -2.00 14.46
N ASP A 660 -25.29 -1.19 14.28
CA ASP A 660 -26.62 -1.75 14.05
C ASP A 660 -26.66 -2.58 12.79
N ILE A 661 -25.99 -2.13 11.73
CA ILE A 661 -25.97 -2.88 10.47
C ILE A 661 -25.33 -4.25 10.68
N ALA A 662 -24.16 -4.26 11.32
CA ALA A 662 -23.45 -5.51 11.55
C ALA A 662 -24.24 -6.45 12.46
N VAL A 663 -24.91 -5.91 13.48
CA VAL A 663 -25.67 -6.75 14.40
C VAL A 663 -26.91 -7.33 13.71
N LYS A 664 -27.61 -6.51 12.93
CA LYS A 664 -28.73 -7.03 12.15
C LYS A 664 -28.30 -8.16 11.24
N LEU A 665 -27.17 -8.00 10.55
CA LEU A 665 -26.68 -9.08 9.69
C LEU A 665 -26.35 -10.34 10.47
N GLY A 666 -25.85 -10.19 11.71
CA GLY A 666 -25.52 -11.36 12.50
C GLY A 666 -26.69 -11.98 13.24
N THR A 667 -27.84 -11.30 13.31
CA THR A 667 -28.96 -11.80 14.10
C THR A 667 -30.21 -12.10 13.29
N ASP A 668 -30.43 -11.42 12.17
CA ASP A 668 -31.55 -11.69 11.28
C ASP A 668 -30.99 -12.50 10.12
N LEU A 669 -31.09 -13.83 10.23
CA LEU A 669 -30.42 -14.69 9.25
C LEU A 669 -31.09 -14.63 7.89
N GLU A 670 -32.39 -14.30 7.84
CA GLU A 670 -33.04 -14.10 6.55
C GLU A 670 -32.49 -12.86 5.85
N TYR A 671 -32.29 -11.78 6.59
CA TYR A 671 -31.66 -10.58 6.03
C TYR A 671 -30.25 -10.90 5.56
N LEU A 672 -29.46 -11.59 6.39
CA LEU A 672 -28.10 -11.96 5.99
C LEU A 672 -28.10 -12.71 4.66
N LYS A 673 -29.01 -13.69 4.52
CA LYS A 673 -29.10 -14.44 3.27
C LYS A 673 -29.41 -13.51 2.10
N LYS A 674 -30.35 -12.57 2.31
CA LYS A 674 -30.68 -11.61 1.27
C LYS A 674 -29.48 -10.76 0.88
N VAL A 675 -28.81 -10.17 1.86
CA VAL A 675 -27.70 -9.27 1.54
C VAL A 675 -26.54 -10.03 0.91
N ARG A 676 -26.19 -11.21 1.45
CA ARG A 676 -25.14 -12.01 0.83
C ARG A 676 -25.49 -12.35 -0.63
N GLY A 677 -26.76 -12.64 -0.89
CA GLY A 677 -27.18 -12.91 -2.26
C GLY A 677 -26.99 -11.71 -3.17
N LYS A 678 -27.25 -10.51 -2.63
CA LYS A 678 -27.02 -9.29 -3.39
C LYS A 678 -25.55 -9.14 -3.80
N VAL A 679 -24.63 -9.35 -2.85
CA VAL A 679 -23.21 -9.25 -3.15
C VAL A 679 -22.82 -10.31 -4.18
N TRP A 680 -23.26 -11.55 -3.96
CA TRP A 680 -22.89 -12.66 -4.84
C TRP A 680 -23.32 -12.40 -6.27
N LYS A 681 -24.49 -11.81 -6.45
CA LYS A 681 -24.99 -11.55 -7.79
C LYS A 681 -24.39 -10.27 -8.37
N GLN A 682 -24.31 -9.21 -7.58
CA GLN A 682 -23.93 -7.92 -8.14
C GLN A 682 -22.43 -7.76 -8.34
N ARG A 683 -21.61 -8.63 -7.73
CA ARG A 683 -20.20 -8.63 -8.10
C ARG A 683 -20.02 -8.88 -9.58
N ILE A 684 -20.99 -9.55 -10.22
CA ILE A 684 -20.91 -9.82 -11.65
C ILE A 684 -21.63 -8.74 -12.46
N SER A 685 -22.84 -8.35 -12.03
CA SER A 685 -23.68 -7.49 -12.85
C SER A 685 -23.36 -6.00 -12.70
N SER A 686 -22.77 -5.59 -11.58
CA SER A 686 -22.39 -4.20 -11.41
C SER A 686 -21.06 -3.93 -12.08
N PRO A 687 -20.68 -2.67 -12.22
CA PRO A 687 -19.40 -2.34 -12.87
C PRO A 687 -18.17 -2.57 -12.00
N LEU A 688 -18.32 -3.05 -10.77
CA LEU A 688 -17.20 -3.01 -9.83
C LEU A 688 -15.99 -3.79 -10.34
N PHE A 689 -16.21 -4.96 -10.93
CA PHE A 689 -15.12 -5.82 -11.39
C PHE A 689 -15.04 -5.88 -12.90
N ASN A 690 -15.68 -4.93 -13.61
CA ASN A 690 -15.76 -4.95 -15.06
C ASN A 690 -14.61 -4.11 -15.62
N THR A 691 -13.49 -4.77 -15.92
CA THR A 691 -12.30 -4.06 -16.38
C THR A 691 -12.49 -3.48 -17.77
N LYS A 692 -13.37 -4.08 -18.58
CA LYS A 692 -13.62 -3.52 -19.92
C LYS A 692 -14.35 -2.19 -19.83
N GLN A 693 -15.43 -2.16 -19.03
CA GLN A 693 -16.16 -0.91 -18.85
C GLN A 693 -15.29 0.15 -18.19
N TYR A 694 -14.52 -0.24 -17.18
CA TYR A 694 -13.63 0.70 -16.51
C TYR A 694 -12.69 1.36 -17.51
N THR A 695 -11.99 0.56 -18.32
CA THR A 695 -11.04 1.12 -19.29
C THR A 695 -11.74 2.09 -20.24
N MET A 696 -12.95 1.74 -20.69
CA MET A 696 -13.69 2.63 -21.58
C MET A 696 -13.97 3.97 -20.91
N GLU A 697 -14.45 3.92 -19.66
CA GLU A 697 -14.72 5.16 -18.93
C GLU A 697 -13.42 5.90 -18.61
N LEU A 698 -12.36 5.15 -18.29
CA LEU A 698 -11.07 5.78 -18.09
C LEU A 698 -10.63 6.52 -19.34
N GLU A 699 -10.86 5.92 -20.51
CA GLU A 699 -10.47 6.58 -21.76
C GLU A 699 -11.27 7.87 -21.98
N ARG A 700 -12.57 7.84 -21.71
CA ARG A 700 -13.36 9.08 -21.81
C ARG A 700 -12.79 10.16 -20.91
N LEU A 701 -12.31 9.77 -19.73
CA LEU A 701 -11.75 10.76 -18.81
C LEU A 701 -10.44 11.33 -19.35
N TYR A 702 -9.57 10.48 -19.90
CA TYR A 702 -8.34 10.97 -20.51
C TYR A 702 -8.62 11.99 -21.60
N LEU A 703 -9.63 11.73 -22.43
CA LEU A 703 -9.94 12.63 -23.54
C LEU A 703 -10.47 13.97 -23.05
N GLN A 704 -11.25 13.97 -21.96
CA GLN A 704 -11.67 15.24 -21.37
C GLN A 704 -10.46 16.04 -20.90
N MET A 705 -9.48 15.37 -20.31
CA MET A 705 -8.24 16.04 -19.93
C MET A 705 -7.54 16.59 -21.15
N TRP A 706 -7.40 15.77 -22.20
CA TRP A 706 -6.63 16.20 -23.36
C TRP A 706 -7.30 17.37 -24.08
N GLU A 707 -8.60 17.25 -24.36
CA GLU A 707 -9.30 18.35 -25.01
C GLU A 707 -9.15 19.63 -24.20
N HIS A 708 -9.23 19.54 -22.88
CA HIS A 708 -9.07 20.71 -22.02
C HIS A 708 -7.69 21.34 -22.23
N TYR A 709 -6.64 20.53 -22.26
CA TYR A 709 -5.30 21.06 -22.48
C TYR A 709 -5.14 21.57 -23.91
N ALA A 710 -5.59 20.78 -24.89
CA ALA A 710 -5.43 21.18 -26.29
C ALA A 710 -6.08 22.54 -26.55
N ALA A 711 -7.10 22.89 -25.80
CA ALA A 711 -7.75 24.19 -25.94
C ALA A 711 -7.02 25.30 -25.20
N GLY A 712 -5.83 25.01 -24.66
CA GLY A 712 -5.02 26.03 -24.03
C GLY A 712 -5.37 26.34 -22.59
N ASN A 713 -6.03 25.43 -21.89
CA ASN A 713 -6.45 25.66 -20.52
C ASN A 713 -5.52 24.92 -19.55
N LYS A 714 -5.31 25.53 -18.39
CA LYS A 714 -4.64 24.85 -17.30
C LYS A 714 -5.59 23.86 -16.65
N PRO A 715 -5.06 22.89 -15.91
CA PRO A 715 -5.91 21.84 -15.33
C PRO A 715 -7.04 22.43 -14.50
N ASP A 716 -8.21 21.78 -14.58
CA ASP A 716 -9.35 22.14 -13.74
C ASP A 716 -10.08 20.85 -13.35
N HIS A 717 -10.92 20.96 -12.32
CA HIS A 717 -11.70 19.80 -11.89
C HIS A 717 -12.52 19.25 -13.06
N MET A 718 -12.51 17.93 -13.17
CA MET A 718 -13.32 17.20 -14.16
C MET A 718 -14.37 16.40 -13.38
N ILE A 719 -15.33 17.12 -12.80
CA ILE A 719 -16.36 16.52 -11.96
C ILE A 719 -17.71 16.49 -12.62
N LYS A 720 -17.83 17.05 -13.82
CA LYS A 720 -19.09 17.12 -14.57
C LYS A 720 -20.30 17.35 -13.67
N THR B 1 6.19 -2.49 1.86
CA THR B 1 6.09 -1.16 2.47
C THR B 1 7.36 -0.36 2.19
N HIS B 2 7.25 0.96 2.26
CA HIS B 2 8.38 1.83 1.96
C HIS B 2 9.47 1.69 3.02
N GLU B 3 10.66 2.14 2.66
CA GLU B 3 11.79 2.12 3.59
C GLU B 3 11.67 3.26 4.59
N THR B 4 11.94 2.95 5.85
CA THR B 4 11.89 3.96 6.90
C THR B 4 12.99 4.98 6.72
N GLY B 5 12.64 6.26 6.77
CA GLY B 5 13.65 7.30 6.72
C GLY B 5 14.64 7.21 7.86
N THR B 6 15.81 7.83 7.66
CA THR B 6 16.89 7.85 8.62
C THR B 6 17.24 9.30 8.95
N THR B 7 18.17 9.47 9.89
CA THR B 7 18.54 10.78 10.41
C THR B 7 20.03 11.02 10.15
N ASN B 8 20.35 11.99 9.30
CA ASN B 8 21.73 12.38 9.10
C ASN B 8 22.20 13.26 10.24
N THR B 9 23.47 13.10 10.62
CA THR B 9 24.07 13.87 11.70
C THR B 9 24.98 14.94 11.13
N ALA B 10 24.74 16.19 11.49
CA ALA B 10 25.60 17.30 11.05
C ALA B 10 26.70 17.52 12.08
N THR B 11 27.95 17.50 11.63
CA THR B 11 29.09 17.60 12.54
C THR B 11 29.52 19.06 12.65
N THR B 12 29.52 19.58 13.87
CA THR B 12 29.99 20.94 14.11
C THR B 12 31.51 20.95 14.23
N ALA B 13 32.14 21.91 13.57
CA ALA B 13 33.58 22.07 13.62
C ALA B 13 33.95 22.95 14.81
N THR B 14 34.90 22.49 15.61
CA THR B 14 35.36 23.26 16.78
C THR B 14 36.89 23.26 16.88
#